data_5SYG
#
_entry.id   5SYG
#
loop_
_entity.id
_entity.type
_entity.pdbx_description
1 polymer 'Tubulin alpha chain'
2 polymer 'Tubulin beta chain'
3 non-polymer "GUANOSINE-5'-TRIPHOSPHATE"
4 non-polymer 'MAGNESIUM ION'
5 non-polymer "GUANOSINE-5'-DIPHOSPHATE"
6 non-polymer (2Z,4E)-N-[(S)-[(1S,2E,5S,8E,10Z,17S)-3,11-dimethyl-19-methylidene-7,13-dioxo-6,21-dioxabicyclo[15.3.1]henicosa-2,8,10-trien-5-yl](hydroxy)methyl]hexa-2,4-dienamide
#
loop_
_entity_poly.entity_id
_entity_poly.type
_entity_poly.pdbx_seq_one_letter_code
_entity_poly.pdbx_strand_id
1 'polypeptide(L)'
;MRECISIHVGQAGVQIGNACWELYCLEHGIQPDGQMPSDKTIGGGDDSFNTFFSETGAGKHVPRAVFVDLEPTVIDEVRT
GTYRQLFHPEQLITGKEDAANNYARGHYTIGKEIIDLVLDRIRKLADQCTGLQGFLVFHSFGGGTGSGFTSLLMERLSVD
YGKKSKLEFSIYPAPQVSTAVVEPYNSILTTHTTLEHSDCAFMVDNEAIYDICRRNLDIERPTYTNLNRLISQIVSSITA
SLRFDGALNVDLTEFQTNLVPYPRIHFPLATYAPVISAEKAYHEQLSVAEITNACFEPANQMVKCDPRHGKYMACCLLYR
GDVVPKDVNAAIATIKTKRTIQFVDWCPTGFKVGINYQPPTVVPGGDLAKVQRAVCMLSNTTAIAEAWARLDHKFDLMYA
KRAFVHWYVGEGMEEGEFSEAREDMAALEKDYEEVGV
;
A
2 'polypeptide(L)'
;MREIVHIQAGQCGNQIGAKFWEVISDEHGIDPTGSYHGDSDLQLERINVYYNEAAGNKYVPRAILVDLEPGTMDSVRSGP
FGQIFRPDNFVFGQSGAGNNWAKGHYTEGAELVDSVLDVVRKESESCDCLQGFQLTHSLGGGTGSGMGTLLISKIREEYP
DRIMNTFSVVPSPKVSDTVVEPYNATLSVHQLVENTDETYCIDNEALYDICFRTLKLTTPTYGDLNHLVSATMSGVTTCL
RFPGQLNADLRKLAVNMVPFPRLHFFMPGFAPLTSRGSQQYRALTVPELTQQMFDAKNMMAACDPRHGRYLTVAAVFRGR
MSMKEVDEQMLNVQNKNSSYFVEWIPNNVKTAVCDIPPRGLKMSATFIGNSTAIQELFKRISEQFTAMFRRKAFLHWYTG
EGMDEMEFTEAESNMNDLVSEYQQYQ
;
B
#
loop_
_chem_comp.id
_chem_comp.type
_chem_comp.name
_chem_comp.formula
GDP RNA linking GUANOSINE-5'-DIPHOSPHATE 'C10 H15 N5 O11 P2'
GTP non-polymer GUANOSINE-5'-TRIPHOSPHATE 'C10 H16 N5 O14 P3'
MG non-polymer 'MAGNESIUM ION' 'Mg 2'
ZPN non-polymer (2Z,4E)-N-[(S)-[(1S,2E,5S,8E,10Z,17S)-3,11-dimethyl-19-methylidene-7,13-dioxo-6,21-dioxabicyclo[15.3.1]henicosa-2,8,10-trien-5-yl](hydroxy)methyl]hexa-2,4-dienamide 'C29 H39 N O6'
#
# COMPACT_ATOMS: atom_id res chain seq x y z
N MET A 1 24.13 20.91 24.88
CA MET A 1 24.05 19.64 24.16
C MET A 1 23.80 19.86 22.66
N ARG A 2 24.71 19.36 21.82
CA ARG A 2 24.45 19.24 20.38
C ARG A 2 23.21 18.41 20.19
N GLU A 3 22.20 18.87 19.47
CA GLU A 3 21.05 18.01 19.28
C GLU A 3 20.69 17.89 17.82
N CYS A 4 19.98 16.83 17.44
CA CYS A 4 19.80 16.57 16.03
C CYS A 4 18.38 16.62 15.63
N ILE A 5 18.13 17.04 14.37
CA ILE A 5 16.64 16.77 14.08
C ILE A 5 16.32 15.34 13.52
N SER A 6 15.16 14.74 13.86
CA SER A 6 14.70 13.50 13.22
C SER A 6 13.49 13.76 12.32
N ILE A 7 13.61 13.57 10.98
CA ILE A 7 12.16 13.42 10.50
C ILE A 7 11.67 12.02 10.07
N HIS A 8 10.37 11.69 10.30
CA HIS A 8 9.81 10.41 9.87
C HIS A 8 8.89 10.56 8.69
N VAL A 9 9.37 10.16 7.48
CA VAL A 9 8.18 10.24 6.54
C VAL A 9 7.62 8.90 5.99
N GLY A 10 6.28 8.84 5.84
CA GLY A 10 5.55 7.72 5.24
C GLY A 10 5.18 6.67 6.25
N GLN A 11 4.32 5.72 5.89
CA GLN A 11 3.97 4.62 6.76
C GLN A 11 5.23 3.95 7.32
N ALA A 12 6.16 3.61 6.43
CA ALA A 12 7.43 3.00 6.81
C ALA A 12 8.21 3.85 7.82
N GLY A 13 8.44 5.11 7.44
CA GLY A 13 9.16 6.03 8.29
C GLY A 13 8.54 6.16 9.66
N VAL A 14 7.22 6.25 9.69
CA VAL A 14 6.48 6.40 10.93
C VAL A 14 6.56 5.13 11.78
N GLN A 15 6.33 3.96 11.18
CA GLN A 15 6.41 2.68 11.89
C GLN A 15 7.77 2.49 12.57
N ILE A 16 8.81 2.65 11.76
CA ILE A 16 10.17 2.54 12.24
C ILE A 16 10.37 3.51 13.39
N GLY A 17 9.96 4.75 13.18
CA GLY A 17 9.99 5.75 14.23
C GLY A 17 9.35 5.30 15.52
N ASN A 18 8.16 4.69 15.42
CA ASN A 18 7.45 4.15 16.58
C ASN A 18 8.43 3.39 17.42
N ALA A 19 8.96 2.32 16.81
CA ALA A 19 9.91 1.48 17.55
C ALA A 19 11.17 2.24 18.01
N CYS A 20 11.67 3.11 17.13
CA CYS A 20 12.91 3.85 17.36
C CYS A 20 12.86 4.66 18.65
N TRP A 21 11.76 5.40 18.83
CA TRP A 21 11.63 6.26 20.00
C TRP A 21 11.25 5.48 21.25
N GLU A 22 10.53 4.38 21.07
CA GLU A 22 10.32 3.47 22.20
C GLU A 22 11.67 3.04 22.77
N LEU A 23 12.53 2.59 21.84
CA LEU A 23 13.89 2.20 22.17
C LEU A 23 14.64 3.31 22.89
N TYR A 24 14.63 4.52 22.32
CA TYR A 24 15.37 5.63 22.92
C TYR A 24 14.94 5.87 24.36
N CYS A 25 13.63 5.94 24.57
CA CYS A 25 13.09 6.10 25.91
C CYS A 25 13.64 5.01 26.83
N LEU A 26 13.71 3.78 26.32
CA LEU A 26 14.29 2.69 27.11
C LEU A 26 15.78 2.88 27.40
N GLU A 27 16.50 3.49 26.45
CA GLU A 27 17.94 3.67 26.60
C GLU A 27 18.26 4.78 27.60
N HIS A 28 17.33 5.71 27.79
CA HIS A 28 17.50 6.74 28.80
C HIS A 28 16.67 6.61 30.09
N GLY A 29 15.84 5.57 30.17
CA GLY A 29 14.96 5.39 31.31
C GLY A 29 13.74 6.29 31.32
N ILE A 30 13.40 6.83 30.14
CA ILE A 30 12.28 7.74 30.00
C ILE A 30 10.95 6.99 29.86
N GLN A 31 9.94 7.46 30.57
CA GLN A 31 8.61 6.84 30.52
C GLN A 31 7.87 7.30 29.26
N PRO A 32 6.86 6.52 28.81
CA PRO A 32 6.12 6.79 27.57
C PRO A 32 5.51 8.19 27.44
N ASP A 33 5.35 8.91 28.56
CA ASP A 33 4.84 10.28 28.51
C ASP A 33 5.93 11.35 28.56
N GLY A 34 7.19 10.93 28.44
CA GLY A 34 8.31 11.85 28.42
C GLY A 34 8.90 12.09 29.79
N GLN A 35 8.27 11.49 30.80
CA GLN A 35 8.67 11.70 32.19
C GLN A 35 10.05 11.11 32.49
N MET A 36 10.93 11.95 33.00
CA MET A 36 12.22 11.51 33.53
C MET A 36 12.01 11.05 34.97
N SER A 48 22.37 13.53 28.78
CA SER A 48 22.80 13.68 27.40
C SER A 48 21.65 13.47 26.42
N PHE A 49 20.57 12.86 26.88
CA PHE A 49 19.37 12.65 26.07
C PHE A 49 18.82 13.96 25.50
N ASN A 50 19.23 15.08 26.08
CA ASN A 50 18.85 16.42 25.60
C ASN A 50 19.40 16.70 24.20
N THR A 51 20.16 15.75 23.68
CA THR A 51 20.60 15.77 22.30
C THR A 51 19.49 15.29 21.35
N PHE A 52 18.54 14.48 21.82
CA PHE A 52 17.26 14.34 21.10
C PHE A 52 15.98 14.79 21.80
N PHE A 53 16.07 15.21 23.05
CA PHE A 53 14.88 15.58 23.80
C PHE A 53 14.97 17.03 24.23
N SER A 54 13.81 17.65 24.43
CA SER A 54 13.75 18.93 25.11
C SER A 54 13.08 18.72 26.46
N GLU A 55 13.82 18.93 27.54
CA GLU A 55 13.24 18.87 28.86
C GLU A 55 12.31 20.06 29.03
N THR A 56 11.05 19.79 29.37
CA THR A 56 10.09 20.85 29.62
C THR A 56 9.92 20.98 31.12
N GLY A 57 9.08 21.91 31.55
CA GLY A 57 8.98 22.28 32.96
C GLY A 57 8.83 21.14 33.96
N ALA A 58 8.16 20.07 33.54
CA ALA A 58 7.78 18.98 34.43
C ALA A 58 8.65 17.72 34.39
N GLY A 59 9.76 17.76 33.66
CA GLY A 59 10.58 16.57 33.49
C GLY A 59 10.02 15.77 32.32
N LYS A 60 9.20 16.43 31.51
CA LYS A 60 8.57 15.76 30.41
C LYS A 60 9.41 16.04 29.20
N HIS A 61 10.30 15.11 28.89
CA HIS A 61 11.23 15.34 27.81
C HIS A 61 10.46 15.06 26.55
N VAL A 62 10.62 15.94 25.57
CA VAL A 62 9.87 15.76 24.34
C VAL A 62 10.85 15.63 23.19
N PRO A 63 10.57 14.69 22.27
CA PRO A 63 11.56 14.24 21.30
C PRO A 63 11.78 15.24 20.19
N ARG A 64 12.96 15.23 19.56
CA ARG A 64 13.11 16.08 18.38
C ARG A 64 12.68 15.27 17.21
N ALA A 65 11.39 15.29 16.90
CA ALA A 65 10.97 14.54 15.75
C ALA A 65 9.68 15.05 15.22
N VAL A 66 9.58 15.09 13.89
CA VAL A 66 8.31 15.47 13.29
C VAL A 66 7.80 14.32 12.45
N PHE A 67 6.53 13.98 12.65
CA PHE A 67 5.92 12.84 12.00
C PHE A 67 4.96 13.31 10.92
N VAL A 68 5.23 12.96 9.66
CA VAL A 68 4.31 13.45 8.64
C VAL A 68 3.61 12.34 7.90
N ASP A 69 2.28 12.38 7.94
CA ASP A 69 1.48 11.32 7.37
C ASP A 69 0.26 11.88 6.64
N LEU A 70 0.22 11.74 5.32
CA LEU A 70 -0.93 12.25 4.55
C LEU A 70 -2.09 11.29 4.73
N GLU A 71 -1.77 10.04 5.00
CA GLU A 71 -2.76 9.02 5.28
C GLU A 71 -2.95 8.95 6.78
N PRO A 72 -3.97 9.66 7.32
CA PRO A 72 -3.97 9.98 8.76
C PRO A 72 -4.00 8.75 9.64
N THR A 73 -4.48 7.64 9.08
CA THR A 73 -4.66 6.38 9.80
C THR A 73 -3.44 5.94 10.63
N VAL A 74 -2.25 6.05 10.04
CA VAL A 74 -1.04 5.56 10.71
C VAL A 74 -0.67 6.39 11.93
N ILE A 75 -0.53 7.71 11.73
CA ILE A 75 -0.23 8.56 12.87
C ILE A 75 -1.41 8.57 13.83
N ASP A 76 -2.65 8.51 13.33
CA ASP A 76 -3.79 8.41 14.23
C ASP A 76 -3.64 7.26 15.20
N GLU A 77 -3.17 6.11 14.69
CA GLU A 77 -2.85 4.98 15.55
C GLU A 77 -1.76 5.35 16.55
N VAL A 78 -0.74 6.06 16.07
CA VAL A 78 0.33 6.54 16.98
C VAL A 78 -0.22 7.50 18.07
N ARG A 79 -1.19 8.30 17.67
CA ARG A 79 -1.84 9.33 18.49
C ARG A 79 -2.71 8.66 19.53
N THR A 80 -3.22 7.48 19.22
CA THR A 80 -3.90 6.64 20.20
C THR A 80 -2.94 5.76 21.00
N GLY A 81 -1.81 5.41 20.38
CA GLY A 81 -0.84 4.52 20.97
C GLY A 81 -0.22 5.07 22.25
N THR A 82 0.53 4.24 22.97
CA THR A 82 1.02 4.61 24.29
C THR A 82 1.92 5.84 24.29
N TYR A 83 2.68 6.04 23.21
CA TYR A 83 3.64 7.14 23.15
C TYR A 83 3.02 8.43 22.63
N ARG A 84 1.70 8.40 22.47
CA ARG A 84 0.90 9.62 22.27
C ARG A 84 1.31 10.71 23.23
N GLN A 85 1.38 10.34 24.50
CA GLN A 85 1.70 11.26 25.59
C GLN A 85 2.99 12.00 25.32
N LEU A 86 3.99 11.25 24.88
CA LEU A 86 5.33 11.75 24.66
C LEU A 86 5.40 12.83 23.59
N PHE A 87 4.80 12.56 22.44
CA PHE A 87 4.90 13.49 21.32
C PHE A 87 4.05 14.73 21.49
N HIS A 88 4.41 15.71 20.69
CA HIS A 88 3.70 16.96 20.59
C HIS A 88 2.62 16.85 19.52
N PRO A 89 1.37 17.18 19.87
CA PRO A 89 0.28 17.30 18.89
C PRO A 89 0.65 18.11 17.65
N GLU A 90 1.52 19.11 17.82
CA GLU A 90 1.99 19.91 16.71
C GLU A 90 3.10 19.18 15.93
N GLN A 91 3.74 18.21 16.58
CA GLN A 91 4.66 17.32 15.88
C GLN A 91 3.90 16.31 15.02
N LEU A 92 2.74 15.86 15.49
CA LEU A 92 2.06 14.80 14.77
C LEU A 92 1.22 15.46 13.71
N ILE A 93 1.76 15.49 12.50
CA ILE A 93 1.14 16.27 11.44
C ILE A 93 0.53 15.32 10.44
N THR A 94 -0.80 15.33 10.41
CA THR A 94 -1.55 14.44 9.55
C THR A 94 -2.26 15.21 8.47
N GLY A 95 -2.44 14.56 7.33
CA GLY A 95 -3.13 15.15 6.22
C GLY A 95 -4.56 14.67 6.13
N LYS A 96 -5.04 14.56 4.89
CA LYS A 96 -6.39 14.09 4.59
C LYS A 96 -6.33 12.82 3.77
N GLU A 97 -5.66 12.89 2.63
CA GLU A 97 -5.48 11.69 1.80
C GLU A 97 -4.03 11.50 1.37
N ASP A 98 -3.63 10.26 1.10
CA ASP A 98 -2.24 10.11 0.73
C ASP A 98 -2.01 10.15 -0.77
N ALA A 99 -0.74 10.13 -1.12
CA ALA A 99 -0.29 10.32 -2.49
C ALA A 99 -0.60 9.09 -3.31
N ALA A 100 -1.05 8.03 -2.63
CA ALA A 100 -1.44 6.79 -3.28
C ALA A 100 -0.34 6.27 -4.17
N ASN A 101 0.89 6.31 -3.66
CA ASN A 101 2.02 5.80 -4.40
C ASN A 101 2.19 6.60 -5.69
N ASN A 102 2.01 7.92 -5.58
CA ASN A 102 2.24 8.81 -6.71
C ASN A 102 3.12 10.00 -6.36
N TYR A 103 4.35 9.95 -6.88
CA TYR A 103 5.38 10.93 -6.63
C TYR A 103 4.94 12.34 -7.04
N ALA A 104 4.15 12.42 -8.09
CA ALA A 104 3.68 13.71 -8.59
C ALA A 104 2.84 14.44 -7.55
N ARG A 105 2.11 13.68 -6.75
CA ARG A 105 1.32 14.26 -5.66
C ARG A 105 2.12 14.48 -4.40
N GLY A 106 2.94 13.50 -4.04
CA GLY A 106 3.80 13.61 -2.87
C GLY A 106 4.74 14.81 -2.99
N HIS A 107 5.34 14.98 -4.16
CA HIS A 107 6.26 16.09 -4.40
C HIS A 107 5.60 17.30 -5.08
N TYR A 108 4.34 17.23 -5.47
CA TYR A 108 3.79 18.49 -5.97
C TYR A 108 2.35 18.76 -5.52
N THR A 109 1.42 18.02 -6.10
CA THR A 109 -0.01 18.27 -5.94
C THR A 109 -0.46 18.35 -4.47
N ILE A 110 -0.34 17.24 -3.76
CA ILE A 110 -0.72 17.16 -2.35
C ILE A 110 0.37 17.63 -1.37
N GLY A 111 1.62 17.24 -1.61
CA GLY A 111 2.72 17.59 -0.72
C GLY A 111 2.84 19.07 -0.40
N LYS A 112 2.47 19.90 -1.37
CA LYS A 112 2.44 21.36 -1.23
C LYS A 112 1.76 21.82 0.09
N GLU A 113 0.53 21.33 0.25
CA GLU A 113 -0.36 21.66 1.36
C GLU A 113 0.41 21.67 2.73
N ILE A 114 0.75 20.46 3.10
CA ILE A 114 1.36 20.33 4.38
C ILE A 114 2.75 20.93 4.40
N ILE A 115 3.54 20.71 3.32
CA ILE A 115 4.98 20.96 3.37
C ILE A 115 5.27 22.28 4.03
N ASP A 116 4.44 23.28 3.73
CA ASP A 116 4.65 24.50 4.53
C ASP A 116 4.35 24.27 6.01
N LEU A 117 3.17 23.66 6.29
CA LEU A 117 2.92 23.46 7.76
C LEU A 117 4.12 22.80 8.54
N VAL A 118 4.65 21.75 7.95
CA VAL A 118 5.74 20.99 8.54
C VAL A 118 7.01 21.82 8.72
N LEU A 119 7.38 22.55 7.66
CA LEU A 119 8.55 23.41 7.74
C LEU A 119 8.48 24.38 8.90
N ASP A 120 7.29 24.93 9.14
CA ASP A 120 7.17 25.86 10.27
C ASP A 120 7.35 25.16 11.61
N ARG A 121 6.90 23.91 11.71
CA ARG A 121 7.29 23.13 12.90
C ARG A 121 8.80 23.00 13.03
N ILE A 122 9.44 22.71 11.91
CA ILE A 122 10.88 22.47 11.87
C ILE A 122 11.67 23.72 12.28
N ARG A 123 11.26 24.88 11.78
CA ARG A 123 11.90 26.15 12.11
C ARG A 123 11.68 26.49 13.58
N LYS A 124 10.45 26.26 14.04
CA LYS A 124 10.13 26.44 15.45
C LYS A 124 11.03 25.58 16.32
N LEU A 125 11.13 24.30 15.97
CA LEU A 125 11.94 23.35 16.72
C LEU A 125 13.41 23.68 16.61
N ALA A 126 13.82 24.27 15.50
CA ALA A 126 15.21 24.64 15.29
C ALA A 126 15.58 25.81 16.18
N ASP A 127 14.58 26.64 16.52
CA ASP A 127 14.81 27.72 17.49
C ASP A 127 14.74 27.22 18.94
N GLN A 128 14.19 26.03 19.15
CA GLN A 128 14.21 25.37 20.46
C GLN A 128 15.61 24.90 20.79
N CYS A 129 16.44 24.90 19.76
CA CYS A 129 17.74 24.27 19.77
C CYS A 129 18.87 25.28 19.77
N THR A 130 20.02 24.89 20.30
CA THR A 130 21.24 25.70 20.24
C THR A 130 22.24 25.08 19.28
N GLY A 131 22.58 23.83 19.58
CA GLY A 131 23.56 23.02 18.92
C GLY A 131 23.07 22.15 17.77
N LEU A 132 22.15 22.65 16.94
CA LEU A 132 21.60 21.80 15.90
C LEU A 132 22.70 21.18 15.08
N GLN A 133 22.75 19.85 15.12
CA GLN A 133 23.62 19.11 14.27
C GLN A 133 22.69 18.41 13.27
N GLY A 134 22.66 17.12 13.17
CA GLY A 134 21.98 16.63 11.97
C GLY A 134 20.45 16.52 11.99
N PHE A 135 19.86 15.98 10.91
CA PHE A 135 18.48 15.57 10.87
C PHE A 135 18.00 14.29 10.10
N LEU A 136 17.72 13.23 10.78
CA LEU A 136 17.36 12.03 10.05
C LEU A 136 15.90 12.04 9.46
N VAL A 137 15.65 11.46 8.27
CA VAL A 137 14.34 11.42 7.63
C VAL A 137 13.75 10.01 7.37
N PHE A 138 12.97 9.43 8.22
CA PHE A 138 12.68 8.04 7.86
C PHE A 138 11.55 7.91 6.82
N HIS A 139 11.75 7.08 5.79
CA HIS A 139 10.81 6.72 4.73
C HIS A 139 11.26 5.47 3.92
N SER A 140 10.37 5.06 3.02
CA SER A 140 10.74 4.05 2.05
C SER A 140 11.00 4.75 0.72
N PHE A 141 11.47 4.00 -0.27
CA PHE A 141 11.79 4.60 -1.58
C PHE A 141 10.59 4.72 -2.52
N GLY A 142 9.55 3.93 -2.26
CA GLY A 142 8.39 3.90 -3.14
C GLY A 142 7.01 4.30 -2.66
N GLY A 143 6.84 4.41 -1.36
CA GLY A 143 5.53 4.76 -0.81
C GLY A 143 5.31 6.23 -1.08
N GLY A 144 4.16 6.59 -1.63
CA GLY A 144 3.92 7.94 -2.12
C GLY A 144 4.31 9.04 -1.14
N THR A 145 3.79 8.90 0.08
CA THR A 145 4.12 9.79 1.19
C THR A 145 5.65 9.83 1.31
N GLY A 146 6.24 8.68 1.62
CA GLY A 146 7.68 8.56 1.76
C GLY A 146 8.48 9.15 0.59
N SER A 147 8.04 8.84 -0.62
CA SER A 147 8.83 9.11 -1.82
C SER A 147 8.84 10.59 -2.28
N GLY A 148 7.69 11.01 -2.80
CA GLY A 148 7.62 12.34 -3.37
C GLY A 148 7.85 13.37 -2.28
N PHE A 149 7.16 13.13 -1.16
CA PHE A 149 7.17 14.10 -0.09
C PHE A 149 8.60 14.34 0.35
N THR A 150 9.34 13.23 0.56
CA THR A 150 10.70 13.41 1.03
C THR A 150 11.49 14.35 0.14
N SER A 151 11.51 14.09 -1.18
CA SER A 151 12.38 14.96 -2.00
C SER A 151 11.98 16.46 -1.94
N LEU A 152 10.68 16.72 -1.85
CA LEU A 152 10.22 18.10 -1.60
C LEU A 152 10.82 18.70 -0.30
N LEU A 153 10.63 17.95 0.79
CA LEU A 153 11.10 18.37 2.11
C LEU A 153 12.59 18.67 2.13
N MET A 154 13.38 17.70 1.68
CA MET A 154 14.83 17.82 1.66
C MET A 154 15.27 19.06 0.93
N GLU A 155 14.61 19.36 -0.19
CA GLU A 155 14.94 20.59 -0.90
C GLU A 155 14.70 21.86 -0.06
N ARG A 156 13.61 21.85 0.71
CA ARG A 156 13.36 22.97 1.63
C ARG A 156 14.36 23.08 2.79
N LEU A 157 14.79 21.93 3.31
CA LEU A 157 15.74 21.90 4.41
C LEU A 157 17.17 22.22 3.94
N SER A 158 17.44 21.95 2.67
CA SER A 158 18.73 22.28 2.06
C SER A 158 18.81 23.77 1.80
N VAL A 159 17.65 24.40 1.70
CA VAL A 159 17.62 25.87 1.74
C VAL A 159 17.76 26.44 3.16
N ASP A 160 16.81 26.11 4.03
CA ASP A 160 16.72 26.72 5.36
C ASP A 160 17.88 26.39 6.30
N TYR A 161 18.52 25.24 6.12
CA TYR A 161 19.62 24.86 7.00
C TYR A 161 20.91 24.67 6.21
N GLY A 162 20.92 23.73 5.28
CA GLY A 162 21.88 23.69 4.18
C GLY A 162 23.25 23.26 4.65
N LYS A 163 23.64 23.77 5.82
CA LYS A 163 24.90 23.45 6.48
C LYS A 163 24.78 22.20 7.33
N LYS A 164 23.57 21.97 7.85
CA LYS A 164 23.33 20.87 8.77
C LYS A 164 23.38 19.54 8.05
N SER A 165 23.67 18.49 8.81
CA SER A 165 23.81 17.15 8.24
C SER A 165 22.45 16.63 7.79
N LYS A 166 22.37 16.22 6.53
CA LYS A 166 21.09 15.79 6.00
C LYS A 166 21.06 14.28 5.95
N LEU A 167 20.35 13.62 6.90
CA LEU A 167 20.53 12.17 6.87
C LEU A 167 19.24 11.57 6.39
N GLU A 168 19.26 10.59 5.50
CA GLU A 168 17.96 9.99 5.21
C GLU A 168 17.93 8.48 5.25
N PHE A 169 16.80 7.93 5.75
CA PHE A 169 16.76 6.48 5.70
C PHE A 169 15.70 6.09 4.70
N SER A 170 16.13 5.51 3.59
CA SER A 170 15.15 5.09 2.61
C SER A 170 15.31 3.61 2.40
N ILE A 171 14.28 2.84 2.73
CA ILE A 171 14.44 1.39 2.61
C ILE A 171 14.56 0.96 1.15
N TYR A 172 15.64 0.27 0.82
CA TYR A 172 15.84 -0.22 -0.54
C TYR A 172 14.75 -1.21 -0.88
N PRO A 173 14.14 -1.05 -2.06
CA PRO A 173 13.08 -1.94 -2.54
C PRO A 173 13.64 -3.33 -2.83
N ALA A 174 13.44 -4.23 -1.87
CA ALA A 174 13.99 -5.58 -1.88
C ALA A 174 13.98 -6.21 -3.26
N PRO A 175 15.12 -6.80 -3.66
CA PRO A 175 15.33 -7.20 -5.05
C PRO A 175 14.21 -8.00 -5.69
N GLN A 176 13.81 -9.08 -5.04
CA GLN A 176 12.80 -9.97 -5.62
C GLN A 176 11.39 -9.69 -5.16
N VAL A 177 11.28 -8.96 -4.06
CA VAL A 177 10.04 -8.92 -3.30
C VAL A 177 9.49 -7.52 -3.24
N SER A 178 8.36 -7.30 -3.88
CA SER A 178 7.78 -5.98 -3.80
C SER A 178 6.31 -6.07 -3.42
N THR A 179 5.82 -4.97 -2.87
CA THR A 179 4.46 -4.83 -2.39
C THR A 179 3.71 -3.99 -3.40
N ALA A 180 4.27 -2.83 -3.76
CA ALA A 180 3.71 -2.02 -4.83
C ALA A 180 4.34 -2.29 -6.19
N VAL A 181 3.48 -2.26 -7.22
CA VAL A 181 3.86 -2.52 -8.60
C VAL A 181 4.74 -1.42 -9.17
N VAL A 182 4.35 -0.17 -8.91
CA VAL A 182 5.04 0.99 -9.45
C VAL A 182 6.21 1.43 -8.58
N GLU A 183 6.49 0.67 -7.52
CA GLU A 183 7.61 0.97 -6.61
C GLU A 183 8.93 1.28 -7.36
N PRO A 184 9.29 0.49 -8.39
CA PRO A 184 10.46 0.86 -9.19
C PRO A 184 10.42 2.31 -9.73
N TYR A 185 9.28 2.74 -10.28
CA TYR A 185 9.13 4.13 -10.71
C TYR A 185 9.58 5.04 -9.60
N ASN A 186 8.90 4.87 -8.48
CA ASN A 186 8.94 5.89 -7.46
C ASN A 186 10.36 6.03 -6.99
N SER A 187 11.08 4.90 -6.93
CA SER A 187 12.39 4.97 -6.32
C SER A 187 13.24 5.88 -7.19
N ILE A 188 13.27 5.55 -8.48
CA ILE A 188 14.08 6.29 -9.44
C ILE A 188 13.81 7.76 -9.25
N LEU A 189 12.54 8.10 -9.31
CA LEU A 189 12.17 9.50 -9.44
C LEU A 189 12.55 10.18 -8.14
N THR A 190 12.18 9.54 -7.03
CA THR A 190 12.48 10.08 -5.71
C THR A 190 13.97 10.31 -5.63
N THR A 191 14.70 9.25 -5.96
CA THR A 191 16.13 9.24 -5.71
C THR A 191 16.74 10.36 -6.52
N HIS A 192 16.35 10.45 -7.79
CA HIS A 192 17.00 11.35 -8.72
C HIS A 192 16.97 12.73 -8.06
N THR A 193 15.78 13.08 -7.62
CA THR A 193 15.52 14.38 -7.07
C THR A 193 16.40 14.58 -5.81
N THR A 194 16.23 13.68 -4.87
CA THR A 194 16.84 13.88 -3.56
C THR A 194 18.35 13.77 -3.64
N LEU A 195 18.87 13.36 -4.81
CA LEU A 195 20.31 13.24 -4.96
C LEU A 195 21.01 14.56 -4.66
N GLU A 196 20.38 15.66 -5.04
CA GLU A 196 21.09 16.94 -4.92
C GLU A 196 20.91 17.60 -3.54
N HIS A 197 19.94 17.10 -2.79
CA HIS A 197 19.63 17.60 -1.45
C HIS A 197 20.02 16.75 -0.25
N SER A 198 20.60 15.58 -0.49
CA SER A 198 20.90 14.67 0.61
C SER A 198 22.39 14.44 0.71
N ASP A 199 22.90 14.43 1.94
CA ASP A 199 24.32 14.19 2.18
C ASP A 199 24.70 12.73 2.28
N CYS A 200 23.90 11.94 2.97
CA CYS A 200 24.02 10.49 2.85
C CYS A 200 22.68 9.78 3.06
N ALA A 201 22.48 8.79 2.20
CA ALA A 201 21.27 8.02 2.15
C ALA A 201 21.60 6.58 2.47
N PHE A 202 20.82 6.02 3.39
CA PHE A 202 21.02 4.63 3.78
C PHE A 202 19.97 3.80 3.08
N MET A 203 20.36 2.59 2.72
CA MET A 203 19.42 1.64 2.16
C MET A 203 19.52 0.30 2.87
N VAL A 204 18.38 -0.27 3.19
CA VAL A 204 18.31 -1.65 3.67
C VAL A 204 17.31 -2.43 2.85
N ASP A 205 17.43 -3.75 2.94
CA ASP A 205 16.56 -4.66 2.21
C ASP A 205 15.72 -5.46 3.19
N ASN A 206 14.39 -5.36 3.05
CA ASN A 206 13.49 -6.15 3.87
C ASN A 206 13.70 -7.66 3.67
N GLU A 207 14.02 -8.07 2.45
CA GLU A 207 14.24 -9.49 2.14
C GLU A 207 15.49 -10.05 2.84
N ALA A 208 16.64 -9.41 2.61
CA ALA A 208 17.88 -9.84 3.25
C ALA A 208 17.72 -9.88 4.76
N ILE A 209 16.99 -8.89 5.29
CA ILE A 209 16.71 -8.84 6.71
C ILE A 209 15.87 -10.05 7.12
N TYR A 210 14.84 -10.38 6.35
CA TYR A 210 14.03 -11.57 6.62
C TYR A 210 14.92 -12.82 6.70
N ASP A 211 15.78 -12.95 5.70
CA ASP A 211 16.76 -14.03 5.62
C ASP A 211 17.60 -14.08 6.89
N ILE A 212 17.99 -12.90 7.38
CA ILE A 212 18.83 -12.79 8.57
C ILE A 212 18.09 -13.13 9.86
N CYS A 213 16.85 -12.67 9.97
CA CYS A 213 15.97 -13.02 11.08
C CYS A 213 15.89 -14.53 11.19
N ARG A 214 15.61 -15.17 10.06
CA ARG A 214 15.52 -16.63 10.01
C ARG A 214 16.85 -17.32 10.33
N ARG A 215 17.86 -16.99 9.55
CA ARG A 215 19.20 -17.58 9.62
C ARG A 215 19.80 -17.51 11.01
N ASN A 216 20.02 -16.28 11.44
CA ASN A 216 20.77 -15.98 12.64
C ASN A 216 19.94 -16.03 13.91
N LEU A 217 18.90 -15.20 13.97
CA LEU A 217 18.00 -15.15 15.13
C LEU A 217 17.13 -16.39 15.28
N ASP A 218 17.09 -17.24 14.25
CA ASP A 218 16.23 -18.42 14.23
C ASP A 218 14.75 -18.02 14.29
N ILE A 219 14.35 -17.12 13.41
CA ILE A 219 12.95 -16.73 13.31
C ILE A 219 12.28 -17.52 12.18
N GLU A 220 11.03 -17.90 12.45
CA GLU A 220 10.20 -18.66 11.53
C GLU A 220 9.69 -17.75 10.42
N ARG A 221 8.89 -16.76 10.83
CA ARG A 221 8.29 -15.83 9.89
C ARG A 221 8.31 -14.35 10.38
N PRO A 222 9.29 -13.57 9.91
CA PRO A 222 9.42 -12.12 10.10
C PRO A 222 8.20 -11.28 9.71
N THR A 223 8.01 -10.17 10.39
CA THR A 223 7.05 -9.17 9.97
C THR A 223 7.58 -7.79 10.38
N TYR A 224 6.84 -6.74 10.06
CA TYR A 224 7.31 -5.37 10.24
C TYR A 224 7.63 -5.03 11.71
N THR A 225 6.88 -5.59 12.63
CA THR A 225 7.10 -5.39 14.07
C THR A 225 8.59 -5.65 14.47
N ASN A 226 8.99 -6.92 14.40
CA ASN A 226 10.32 -7.32 14.84
C ASN A 226 11.46 -6.82 13.94
N LEU A 227 11.19 -6.81 12.63
CA LEU A 227 12.12 -6.25 11.66
C LEU A 227 12.50 -4.82 12.07
N ASN A 228 11.47 -4.03 12.37
CA ASN A 228 11.69 -2.65 12.76
C ASN A 228 12.52 -2.53 14.03
N ARG A 229 12.25 -3.39 15.01
CA ARG A 229 13.11 -3.38 16.21
C ARG A 229 14.61 -3.53 15.90
N LEU A 230 14.89 -4.40 14.94
CA LEU A 230 16.27 -4.55 14.44
C LEU A 230 16.84 -3.22 13.91
N ILE A 231 16.13 -2.65 12.93
CA ILE A 231 16.58 -1.40 12.31
C ILE A 231 16.85 -0.31 13.37
N SER A 232 15.91 -0.20 14.31
CA SER A 232 16.00 0.79 15.37
C SER A 232 17.28 0.64 16.18
N GLN A 233 17.69 -0.60 16.45
CA GLN A 233 18.96 -0.77 17.15
C GLN A 233 20.19 -0.35 16.31
N ILE A 234 20.14 -0.60 15.00
CA ILE A 234 21.22 -0.11 14.12
C ILE A 234 21.38 1.44 14.20
N VAL A 235 20.24 2.11 14.05
CA VAL A 235 20.23 3.57 14.18
C VAL A 235 20.68 4.01 15.57
N SER A 236 20.22 3.28 16.58
CA SER A 236 20.56 3.54 17.98
C SER A 236 22.06 3.65 18.17
N SER A 237 22.81 2.74 17.57
CA SER A 237 24.27 2.81 17.66
C SER A 237 24.84 4.09 17.04
N ILE A 238 24.37 4.39 15.82
CA ILE A 238 24.82 5.65 15.17
C ILE A 238 24.68 6.90 16.15
N THR A 239 23.46 7.03 16.62
CA THR A 239 23.19 8.10 17.55
C THR A 239 24.01 7.97 18.82
N ALA A 240 24.26 6.74 19.26
CA ALA A 240 24.95 6.47 20.53
C ALA A 240 26.28 7.18 20.57
N SER A 241 26.96 7.19 19.42
CA SER A 241 28.16 8.03 19.32
C SER A 241 27.86 9.46 19.74
N LEU A 242 26.69 9.97 19.34
CA LEU A 242 26.37 11.32 19.95
C LEU A 242 25.90 11.35 21.42
N ARG A 243 25.01 10.43 21.75
CA ARG A 243 24.21 10.46 22.96
C ARG A 243 24.99 10.03 24.21
N PHE A 244 26.10 9.34 24.00
CA PHE A 244 26.83 8.80 25.14
C PHE A 244 28.32 9.10 25.07
N ASP A 245 28.98 8.85 26.20
CA ASP A 245 30.43 8.85 26.25
C ASP A 245 30.98 7.64 25.54
N GLY A 246 31.99 7.87 24.72
CA GLY A 246 32.73 6.79 24.11
C GLY A 246 34.16 7.27 23.96
N ALA A 247 35.08 6.34 23.75
CA ALA A 247 36.47 6.71 23.56
C ALA A 247 36.59 7.55 22.30
N LEU A 248 36.15 6.97 21.19
CA LEU A 248 36.16 7.71 19.95
C LEU A 248 34.74 8.08 19.62
N ASN A 249 34.35 9.28 20.03
CA ASN A 249 33.00 9.76 19.80
C ASN A 249 32.93 10.29 18.40
N VAL A 250 31.98 9.78 17.63
CA VAL A 250 31.82 10.21 16.26
C VAL A 250 30.62 11.14 16.13
N ASP A 251 30.86 12.33 15.60
CA ASP A 251 29.78 13.25 15.23
C ASP A 251 29.26 12.92 13.83
N LEU A 252 28.03 13.32 13.54
CA LEU A 252 27.40 13.06 12.23
C LEU A 252 28.16 13.72 11.07
N THR A 253 28.71 14.89 11.37
CA THR A 253 29.55 15.61 10.43
C THR A 253 30.72 14.72 9.98
N GLU A 254 31.32 14.02 10.94
CA GLU A 254 32.35 13.01 10.65
C GLU A 254 31.83 11.97 9.69
N PHE A 255 30.69 11.38 10.02
CA PHE A 255 30.07 10.35 9.19
C PHE A 255 30.04 10.78 7.76
N GLN A 256 29.64 12.03 7.54
CA GLN A 256 29.63 12.56 6.18
C GLN A 256 31.03 12.61 5.57
N THR A 257 31.97 13.22 6.30
CA THR A 257 33.35 13.31 5.82
C THR A 257 33.89 11.96 5.36
N ASN A 258 33.70 10.94 6.19
CA ASN A 258 34.32 9.64 5.95
C ASN A 258 33.55 8.62 5.13
N LEU A 259 32.23 8.76 5.02
CA LEU A 259 31.44 7.75 4.33
C LEU A 259 31.11 8.16 2.91
N VAL A 260 31.51 9.37 2.54
CA VAL A 260 31.20 9.89 1.22
C VAL A 260 32.49 10.16 0.48
N PRO A 261 32.97 9.15 -0.27
CA PRO A 261 34.23 9.18 -1.03
C PRO A 261 34.16 10.17 -2.18
N TYR A 262 32.97 10.68 -2.47
CA TYR A 262 32.69 11.28 -3.76
C TYR A 262 31.33 11.97 -3.73
N PRO A 263 31.23 13.17 -4.33
CA PRO A 263 30.12 14.09 -4.05
C PRO A 263 28.74 13.45 -4.09
N ARG A 264 28.47 12.69 -5.13
CA ARG A 264 27.19 11.99 -5.27
C ARG A 264 27.09 10.57 -4.73
N ILE A 265 28.15 9.77 -4.73
CA ILE A 265 27.92 8.42 -4.25
C ILE A 265 28.02 8.59 -2.76
N HIS A 266 26.86 8.88 -2.17
CA HIS A 266 26.70 8.79 -0.76
C HIS A 266 25.54 7.85 -0.55
N PHE A 267 25.82 6.57 -0.64
CA PHE A 267 24.76 5.60 -0.51
C PHE A 267 25.33 4.38 0.17
N PRO A 268 25.74 4.56 1.43
CA PRO A 268 26.29 3.44 2.18
C PRO A 268 25.21 2.48 2.61
N LEU A 269 25.62 1.24 2.83
CA LEU A 269 24.75 0.22 3.36
C LEU A 269 25.34 -0.16 4.71
N ALA A 270 24.52 -0.72 5.58
CA ALA A 270 25.00 -1.01 6.92
C ALA A 270 24.38 -2.26 7.49
N THR A 271 25.20 -3.03 8.19
CA THR A 271 24.75 -4.20 8.88
C THR A 271 25.11 -4.10 10.34
N TYR A 272 24.76 -5.14 11.07
CA TYR A 272 24.96 -5.17 12.48
C TYR A 272 25.22 -6.59 12.93
N ALA A 273 26.17 -6.74 13.84
CA ALA A 273 26.39 -8.04 14.48
C ALA A 273 26.63 -7.75 15.95
N PRO A 274 26.37 -8.72 16.84
CA PRO A 274 25.77 -10.05 16.67
C PRO A 274 24.27 -10.04 16.45
N VAL A 275 23.81 -10.76 15.44
CA VAL A 275 22.39 -11.00 15.27
C VAL A 275 22.18 -12.42 15.65
N ILE A 276 21.84 -12.72 16.90
CA ILE A 276 21.73 -14.13 17.24
C ILE A 276 20.74 -14.31 18.36
N SER A 277 20.09 -15.47 18.35
CA SER A 277 19.13 -15.81 19.37
C SER A 277 19.84 -15.98 20.70
N ALA A 278 19.12 -15.74 21.79
CA ALA A 278 19.67 -15.90 23.13
C ALA A 278 20.22 -17.31 23.33
N GLU A 279 19.59 -18.28 22.68
CA GLU A 279 20.05 -19.66 22.71
C GLU A 279 21.46 -19.81 22.13
N LYS A 280 21.67 -19.30 20.92
CA LYS A 280 22.95 -19.45 20.23
C LYS A 280 24.11 -18.77 20.98
N ALA A 281 23.78 -17.75 21.77
CA ALA A 281 24.78 -17.00 22.51
C ALA A 281 25.59 -17.86 23.50
N TYR A 282 25.03 -18.98 23.92
CA TYR A 282 25.73 -19.86 24.87
C TYR A 282 26.65 -20.87 24.19
N HIS A 283 26.45 -21.08 22.89
CA HIS A 283 27.34 -21.92 22.09
C HIS A 283 28.32 -21.04 21.34
N GLU A 284 28.36 -19.78 21.74
CA GLU A 284 29.22 -18.81 21.11
C GLU A 284 29.92 -17.95 22.14
N GLN A 285 31.20 -17.66 21.91
CA GLN A 285 31.86 -16.62 22.68
C GLN A 285 32.07 -15.44 21.77
N LEU A 286 31.32 -14.38 22.00
CA LEU A 286 31.36 -13.26 21.08
C LEU A 286 32.45 -12.33 21.55
N SER A 287 33.59 -12.44 20.88
CA SER A 287 34.71 -11.59 21.16
C SER A 287 34.60 -10.42 20.21
N VAL A 288 35.51 -9.47 20.35
CA VAL A 288 35.56 -8.36 19.42
C VAL A 288 35.84 -8.92 18.03
N ALA A 289 36.87 -9.76 17.93
CA ALA A 289 37.26 -10.36 16.66
C ALA A 289 36.16 -11.25 16.06
N GLU A 290 35.50 -12.03 16.91
CA GLU A 290 34.38 -12.88 16.51
C GLU A 290 33.33 -12.07 15.77
N ILE A 291 32.88 -11.01 16.43
CA ILE A 291 31.84 -10.16 15.89
C ILE A 291 32.31 -9.46 14.62
N THR A 292 33.48 -8.84 14.66
CA THR A 292 34.03 -8.13 13.50
C THR A 292 34.07 -9.02 12.24
N ASN A 293 34.57 -10.25 12.45
CA ASN A 293 34.52 -11.26 11.41
C ASN A 293 33.10 -11.43 10.89
N ALA A 294 32.15 -11.60 11.81
CA ALA A 294 30.74 -11.76 11.43
C ALA A 294 30.20 -10.58 10.61
N CYS A 295 30.73 -9.39 10.88
CA CYS A 295 30.32 -8.19 10.17
C CYS A 295 30.64 -8.27 8.71
N PHE A 296 31.74 -8.95 8.39
CA PHE A 296 32.03 -9.12 6.95
C PHE A 296 31.60 -10.44 6.31
N GLU A 297 30.78 -11.22 7.01
CA GLU A 297 30.12 -12.38 6.41
C GLU A 297 28.98 -11.96 5.48
N PRO A 298 29.03 -12.40 4.21
CA PRO A 298 27.98 -12.13 3.21
C PRO A 298 26.57 -12.55 3.65
N ALA A 299 26.48 -13.41 4.66
CA ALA A 299 25.20 -13.86 5.17
C ALA A 299 24.59 -12.93 6.23
N ASN A 300 25.43 -12.05 6.78
CA ASN A 300 24.99 -11.01 7.72
C ASN A 300 24.71 -9.71 6.96
N GLN A 301 24.67 -9.81 5.64
CA GLN A 301 24.66 -8.66 4.76
C GLN A 301 23.23 -8.16 4.57
N MET A 302 22.91 -7.04 5.20
CA MET A 302 21.52 -6.64 5.41
C MET A 302 20.85 -6.03 4.19
N VAL A 303 21.64 -5.81 3.15
CA VAL A 303 21.10 -5.57 1.82
C VAL A 303 21.45 -6.81 1.03
N LYS A 304 20.56 -7.33 0.20
CA LYS A 304 20.87 -8.60 -0.40
C LYS A 304 21.70 -8.24 -1.60
N CYS A 305 22.99 -8.11 -1.30
CA CYS A 305 24.02 -7.78 -2.25
C CYS A 305 25.31 -8.37 -1.69
N ASP A 306 25.78 -9.47 -2.25
CA ASP A 306 26.88 -10.21 -1.64
C ASP A 306 28.16 -9.40 -1.82
N PRO A 307 28.85 -9.05 -0.71
CA PRO A 307 29.97 -8.10 -0.76
C PRO A 307 31.10 -8.56 -1.69
N ARG A 308 31.16 -9.85 -1.96
CA ARG A 308 32.17 -10.43 -2.84
C ARG A 308 31.93 -10.09 -4.32
N HIS A 309 30.83 -9.38 -4.61
CA HIS A 309 30.52 -8.94 -5.98
C HIS A 309 31.18 -7.61 -6.38
N GLY A 310 31.96 -7.03 -5.46
CA GLY A 310 32.58 -5.75 -5.71
C GLY A 310 33.69 -5.46 -4.72
N LYS A 311 34.11 -4.21 -4.65
CA LYS A 311 35.14 -3.81 -3.70
C LYS A 311 34.67 -2.69 -2.78
N TYR A 312 35.18 -2.69 -1.55
CA TYR A 312 34.82 -1.68 -0.57
C TYR A 312 35.43 -0.32 -0.90
N MET A 313 34.56 0.66 -1.07
CA MET A 313 34.99 2.04 -1.19
C MET A 313 35.26 2.69 0.22
N ALA A 314 34.58 2.27 1.32
CA ALA A 314 34.80 2.91 2.70
C ALA A 314 34.33 2.14 4.05
N CYS A 315 34.83 2.42 5.38
CA CYS A 315 34.31 1.65 6.49
C CYS A 315 34.05 2.22 8.01
N CYS A 316 33.07 1.61 8.59
CA CYS A 316 32.93 2.23 9.88
C CYS A 316 32.56 1.29 10.98
N LEU A 317 33.20 1.37 12.21
CA LEU A 317 32.79 0.38 13.17
C LEU A 317 32.22 0.98 14.57
N LEU A 318 30.94 0.89 14.59
CA LEU A 318 30.49 1.64 15.72
C LEU A 318 30.36 0.63 16.88
N TYR A 319 31.19 0.72 17.97
CA TYR A 319 31.43 -0.52 18.62
C TYR A 319 30.65 -0.07 19.77
N ARG A 320 30.07 -1.00 20.48
CA ARG A 320 29.27 -0.64 21.61
C ARG A 320 29.57 -1.64 22.67
N GLY A 321 29.66 -1.16 23.90
CA GLY A 321 29.88 -2.04 25.03
C GLY A 321 31.34 -2.31 25.32
N ASP A 322 31.62 -3.51 25.80
CA ASP A 322 32.95 -3.77 26.32
C ASP A 322 33.78 -4.16 25.12
N VAL A 323 34.49 -3.16 24.63
CA VAL A 323 35.33 -3.28 23.46
C VAL A 323 36.54 -2.40 23.73
N VAL A 324 37.74 -2.96 23.65
CA VAL A 324 38.91 -2.17 23.97
C VAL A 324 39.72 -1.93 22.70
N PRO A 325 40.40 -0.78 22.64
CA PRO A 325 41.08 -0.30 21.44
C PRO A 325 41.95 -1.33 20.76
N LYS A 326 42.72 -2.10 21.53
CA LYS A 326 43.63 -3.07 20.94
C LYS A 326 42.87 -4.25 20.35
N ASP A 327 41.86 -4.76 21.05
CA ASP A 327 41.08 -5.89 20.56
C ASP A 327 40.51 -5.53 19.21
N VAL A 328 40.03 -4.30 19.12
CA VAL A 328 39.56 -3.74 17.86
C VAL A 328 40.67 -3.74 16.84
N ASN A 329 41.78 -3.12 17.21
CA ASN A 329 42.93 -2.96 16.33
C ASN A 329 43.41 -4.30 15.77
N ALA A 330 43.41 -5.31 16.64
CA ALA A 330 43.80 -6.67 16.33
C ALA A 330 42.76 -7.32 15.43
N ALA A 331 41.50 -7.11 15.74
CA ALA A 331 40.39 -7.63 14.95
C ALA A 331 40.46 -7.06 13.54
N ILE A 332 40.67 -5.76 13.45
CA ILE A 332 40.85 -5.08 12.18
C ILE A 332 42.05 -5.65 11.45
N ALA A 333 43.15 -5.81 12.18
CA ALA A 333 44.36 -6.40 11.62
C ALA A 333 44.03 -7.75 10.97
N THR A 334 43.24 -8.55 11.67
CA THR A 334 42.79 -9.84 11.17
C THR A 334 41.95 -9.68 9.89
N ILE A 335 41.02 -8.72 9.92
CA ILE A 335 40.13 -8.47 8.79
C ILE A 335 40.91 -8.03 7.55
N LYS A 336 41.82 -7.09 7.74
CA LYS A 336 42.66 -6.56 6.68
C LYS A 336 43.57 -7.66 6.15
N THR A 337 44.01 -8.53 7.05
CA THR A 337 44.79 -9.71 6.68
C THR A 337 43.97 -10.61 5.77
N LYS A 338 42.69 -10.80 6.10
CA LYS A 338 41.85 -11.62 5.23
C LYS A 338 41.70 -10.84 3.94
N ARG A 339 42.30 -11.36 2.88
CA ARG A 339 42.38 -10.63 1.62
C ARG A 339 41.20 -11.02 0.75
N THR A 340 40.28 -11.80 1.31
CA THR A 340 39.01 -12.11 0.67
C THR A 340 38.07 -10.91 0.71
N ILE A 341 38.44 -9.91 1.50
CA ILE A 341 37.68 -8.67 1.51
C ILE A 341 38.44 -7.70 0.64
N GLN A 342 37.92 -7.54 -0.58
CA GLN A 342 38.57 -6.74 -1.60
C GLN A 342 38.08 -5.33 -1.48
N PHE A 343 38.99 -4.37 -1.48
CA PHE A 343 38.59 -2.99 -1.44
C PHE A 343 39.40 -2.18 -2.44
N VAL A 344 38.90 -0.99 -2.74
CA VAL A 344 39.30 -0.25 -3.93
C VAL A 344 40.67 0.42 -3.80
N ASP A 345 41.46 0.37 -4.87
CA ASP A 345 42.78 1.00 -4.97
C ASP A 345 42.70 2.48 -4.65
N TRP A 346 41.63 3.08 -5.14
CA TRP A 346 41.27 4.47 -4.91
C TRP A 346 41.41 4.85 -3.43
N CYS A 347 40.97 3.96 -2.55
CA CYS A 347 40.79 4.26 -1.13
C CYS A 347 41.70 3.38 -0.28
N PRO A 348 42.92 3.87 0.03
CA PRO A 348 44.01 2.98 0.47
C PRO A 348 43.84 2.24 1.79
N THR A 349 43.76 2.97 2.89
CA THR A 349 43.51 2.38 4.20
C THR A 349 42.21 2.83 4.83
N GLY A 350 41.30 3.44 4.07
CA GLY A 350 40.19 4.04 4.78
C GLY A 350 39.33 2.97 5.41
N PHE A 351 39.61 2.76 6.68
CA PHE A 351 38.70 2.08 7.54
C PHE A 351 38.74 2.96 8.76
N LYS A 352 37.84 3.93 8.75
CA LYS A 352 37.58 4.67 9.95
C LYS A 352 36.85 3.55 10.54
N VAL A 353 37.16 3.45 11.84
CA VAL A 353 36.43 2.84 12.89
C VAL A 353 35.92 3.91 13.78
N GLY A 354 34.61 4.00 13.72
CA GLY A 354 34.17 4.43 15.14
C GLY A 354 34.40 3.39 16.32
N ILE A 355 34.51 3.74 17.68
CA ILE A 355 34.22 2.88 18.91
C ILE A 355 33.30 3.54 19.91
N ASN A 356 32.05 3.08 19.96
CA ASN A 356 31.41 3.60 21.33
C ASN A 356 31.51 2.59 22.48
N TYR A 357 31.66 3.10 23.78
CA TYR A 357 31.62 2.49 25.19
C TYR A 357 30.28 1.92 25.65
N GLN A 358 29.28 2.78 25.53
CA GLN A 358 27.91 2.44 25.87
C GLN A 358 27.53 1.16 25.17
N PRO A 359 27.05 0.16 25.92
CA PRO A 359 26.62 -1.05 25.21
C PRO A 359 25.34 -0.86 24.41
N PRO A 360 25.06 -1.81 23.51
CA PRO A 360 23.76 -1.91 22.86
C PRO A 360 22.72 -2.31 23.88
N THR A 361 21.45 -2.13 23.54
CA THR A 361 20.37 -2.46 24.46
C THR A 361 19.34 -3.34 23.77
N VAL A 362 18.64 -4.14 24.57
CA VAL A 362 17.64 -5.05 24.04
C VAL A 362 16.23 -4.56 24.38
N VAL A 363 15.33 -4.71 23.41
CA VAL A 363 13.92 -4.37 23.60
C VAL A 363 13.22 -5.46 24.42
N PRO A 364 12.47 -5.06 25.45
CA PRO A 364 11.63 -6.01 26.19
C PRO A 364 10.57 -6.64 25.29
N GLY A 365 10.51 -7.97 25.30
CA GLY A 365 9.68 -8.70 24.35
C GLY A 365 10.37 -8.79 23.00
N GLY A 366 11.64 -8.40 22.96
CA GLY A 366 12.43 -8.42 21.75
C GLY A 366 12.92 -9.82 21.40
N ASP A 367 13.55 -9.96 20.23
CA ASP A 367 14.16 -11.23 19.83
C ASP A 367 15.70 -11.32 19.70
N LEU A 368 16.48 -10.37 20.20
CA LEU A 368 17.94 -10.49 20.08
C LEU A 368 18.65 -10.81 21.40
N ALA A 369 19.76 -11.54 21.30
CA ALA A 369 20.57 -11.93 22.45
C ALA A 369 21.20 -10.72 23.13
N LYS A 370 21.09 -10.65 24.45
CA LYS A 370 21.67 -9.52 25.15
C LYS A 370 23.16 -9.76 25.22
N VAL A 371 23.90 -8.93 24.49
CA VAL A 371 25.32 -9.15 24.31
C VAL A 371 26.05 -7.99 24.97
N GLN A 372 27.27 -8.26 25.41
CA GLN A 372 28.08 -7.27 26.11
C GLN A 372 28.76 -6.32 25.16
N ARG A 373 28.81 -6.71 23.90
CA ARG A 373 29.47 -5.90 22.89
C ARG A 373 28.82 -6.12 21.55
N ALA A 374 28.71 -5.06 20.77
CA ALA A 374 28.15 -5.18 19.45
C ALA A 374 28.80 -4.20 18.53
N VAL A 375 28.48 -4.27 17.26
CA VAL A 375 29.03 -3.32 16.32
C VAL A 375 28.11 -3.14 15.13
N CYS A 376 28.05 -1.89 14.68
CA CYS A 376 27.40 -1.59 13.42
C CYS A 376 28.47 -1.37 12.38
N MET A 377 28.47 -2.26 11.38
CA MET A 377 29.38 -2.09 10.27
C MET A 377 28.67 -1.25 9.25
N LEU A 378 29.40 -0.32 8.67
CA LEU A 378 28.81 0.44 7.58
C LEU A 378 29.83 0.55 6.46
N SER A 379 29.37 0.43 5.21
CA SER A 379 30.33 0.45 4.11
C SER A 379 29.77 0.98 2.81
N ASN A 380 30.70 1.48 1.99
CA ASN A 380 30.35 1.72 0.58
C ASN A 380 31.12 0.76 -0.30
N THR A 381 30.41 -0.07 -1.05
CA THR A 381 31.02 -1.04 -1.97
C THR A 381 30.56 -0.80 -3.40
N THR A 382 31.41 -1.15 -4.37
CA THR A 382 31.06 -0.99 -5.77
C THR A 382 29.92 -1.95 -6.15
N ALA A 383 29.80 -3.02 -5.36
CA ALA A 383 28.76 -4.03 -5.53
C ALA A 383 27.35 -3.43 -5.51
N ILE A 384 27.19 -2.27 -4.88
CA ILE A 384 25.91 -1.58 -4.83
C ILE A 384 25.37 -1.32 -6.23
N ALA A 385 26.27 -1.14 -7.20
CA ALA A 385 25.89 -0.97 -8.60
C ALA A 385 24.90 -2.06 -9.05
N GLU A 386 25.04 -3.25 -8.49
CA GLU A 386 24.10 -4.35 -8.73
C GLU A 386 22.67 -3.92 -8.43
N ALA A 387 22.45 -3.45 -7.20
CA ALA A 387 21.16 -2.90 -6.79
C ALA A 387 20.69 -1.83 -7.80
N TRP A 388 21.61 -0.97 -8.22
CA TRP A 388 21.29 0.05 -9.21
C TRP A 388 20.71 -0.60 -10.45
N ALA A 389 21.48 -1.56 -10.97
CA ALA A 389 21.14 -2.24 -12.21
C ALA A 389 19.69 -2.65 -12.13
N ARG A 390 19.35 -3.29 -11.00
CA ARG A 390 18.05 -3.89 -10.88
C ARG A 390 17.00 -2.85 -11.15
N LEU A 391 17.01 -1.79 -10.35
CA LEU A 391 15.93 -0.83 -10.38
C LEU A 391 15.94 -0.11 -11.70
N ASP A 392 17.15 0.16 -12.20
CA ASP A 392 17.27 0.92 -13.45
C ASP A 392 16.43 0.13 -14.44
N HIS A 393 16.74 -1.15 -14.50
CA HIS A 393 16.08 -2.01 -15.45
C HIS A 393 14.59 -2.13 -15.16
N LYS A 394 14.24 -2.36 -13.90
CA LYS A 394 12.84 -2.60 -13.55
C LYS A 394 12.07 -1.43 -14.12
N PHE A 395 12.61 -0.25 -13.85
CA PHE A 395 11.91 0.96 -14.22
C PHE A 395 11.80 1.00 -15.72
N ASP A 396 12.95 0.81 -16.36
CA ASP A 396 13.09 0.85 -17.80
C ASP A 396 12.01 -0.01 -18.43
N LEU A 397 11.83 -1.22 -17.89
CA LEU A 397 10.91 -2.17 -18.49
C LEU A 397 9.52 -1.56 -18.54
N MET A 398 9.06 -1.12 -17.38
CA MET A 398 7.70 -0.63 -17.27
C MET A 398 7.59 0.70 -18.03
N TYR A 399 8.68 1.47 -18.05
CA TYR A 399 8.64 2.76 -18.73
C TYR A 399 8.57 2.54 -20.23
N ALA A 400 9.11 1.40 -20.67
CA ALA A 400 9.10 1.09 -22.10
C ALA A 400 7.67 0.89 -22.54
N LYS A 401 6.87 0.37 -21.61
CA LYS A 401 5.45 0.18 -21.83
C LYS A 401 4.63 1.39 -21.64
N ARG A 402 5.14 2.22 -20.73
CA ARG A 402 4.37 3.25 -20.08
C ARG A 402 3.27 2.61 -19.27
N ALA A 403 3.59 1.48 -18.65
CA ALA A 403 2.72 0.91 -17.65
C ALA A 403 2.53 1.98 -16.58
N PHE A 404 1.28 2.33 -16.31
CA PHE A 404 0.94 3.31 -15.29
C PHE A 404 1.49 4.72 -15.56
N VAL A 405 1.78 5.06 -16.82
CA VAL A 405 2.34 6.38 -17.13
C VAL A 405 1.25 7.46 -17.12
N HIS A 406 0.03 7.06 -17.50
CA HIS A 406 -1.11 7.97 -17.61
C HIS A 406 -1.37 8.64 -16.29
N TRP A 407 -0.90 7.93 -15.28
CA TRP A 407 -1.23 8.17 -13.93
C TRP A 407 -0.41 9.30 -13.32
N TYR A 408 0.85 9.40 -13.72
CA TYR A 408 1.70 10.55 -13.44
C TYR A 408 1.53 11.69 -14.42
N VAL A 409 1.45 11.33 -15.70
CA VAL A 409 1.48 12.32 -16.75
C VAL A 409 0.21 13.16 -16.73
N GLY A 410 -0.87 12.60 -16.18
CA GLY A 410 -2.06 13.37 -15.87
C GLY A 410 -1.78 14.35 -14.74
N GLU A 411 -0.92 13.94 -13.81
CA GLU A 411 -0.56 14.75 -12.64
C GLU A 411 0.42 15.88 -12.96
N GLY A 412 0.87 15.95 -14.21
CA GLY A 412 1.74 17.02 -14.66
C GLY A 412 3.17 16.60 -14.93
N MET A 413 3.44 15.30 -14.81
CA MET A 413 4.80 14.81 -15.01
C MET A 413 5.11 14.58 -16.48
N GLU A 414 6.38 14.80 -16.81
CA GLU A 414 6.84 14.97 -18.18
C GLU A 414 7.49 13.69 -18.70
N GLU A 415 7.10 13.24 -19.88
CA GLU A 415 7.85 12.17 -20.52
C GLU A 415 9.17 12.77 -20.95
N GLY A 416 10.25 12.06 -20.67
CA GLY A 416 11.60 12.54 -20.88
C GLY A 416 12.18 13.07 -19.58
N GLU A 417 11.31 13.56 -18.69
CA GLU A 417 11.71 13.85 -17.31
C GLU A 417 12.09 12.53 -16.68
N PHE A 418 11.22 11.55 -16.90
CA PHE A 418 11.41 10.20 -16.41
C PHE A 418 12.64 9.56 -17.05
N SER A 419 12.80 9.82 -18.36
CA SER A 419 13.96 9.34 -19.09
C SER A 419 15.24 9.94 -18.53
N GLU A 420 15.25 11.27 -18.35
CA GLU A 420 16.40 11.98 -17.77
C GLU A 420 16.73 11.51 -16.36
N ALA A 421 15.70 11.32 -15.54
CA ALA A 421 15.88 10.84 -14.18
C ALA A 421 16.59 9.49 -14.19
N ARG A 422 16.09 8.59 -15.02
CA ARG A 422 16.76 7.29 -15.15
C ARG A 422 18.17 7.44 -15.73
N GLU A 423 18.37 8.40 -16.63
CA GLU A 423 19.70 8.70 -17.17
C GLU A 423 20.65 8.99 -16.04
N ASP A 424 20.20 9.82 -15.11
CA ASP A 424 21.00 10.22 -13.97
C ASP A 424 21.33 9.02 -13.11
N MET A 425 20.35 8.15 -12.91
CA MET A 425 20.61 6.91 -12.16
C MET A 425 21.63 6.01 -12.87
N ALA A 426 21.60 6.00 -14.20
CA ALA A 426 22.52 5.21 -15.01
C ALA A 426 23.92 5.81 -14.98
N ALA A 427 23.99 7.14 -14.94
CA ALA A 427 25.25 7.86 -14.82
C ALA A 427 25.88 7.59 -13.47
N LEU A 428 25.05 7.57 -12.43
CA LEU A 428 25.52 7.28 -11.08
C LEU A 428 26.01 5.83 -10.96
N GLU A 429 25.30 4.91 -11.59
CA GLU A 429 25.76 3.52 -11.64
C GLU A 429 27.11 3.43 -12.36
N LYS A 430 27.21 4.17 -13.47
CA LYS A 430 28.46 4.28 -14.23
C LYS A 430 29.58 4.88 -13.36
N ASP A 431 29.19 5.71 -12.38
CA ASP A 431 30.14 6.30 -11.45
C ASP A 431 30.67 5.27 -10.45
N TYR A 432 29.81 4.33 -10.01
CA TYR A 432 30.30 3.21 -9.20
C TYR A 432 31.39 2.45 -9.92
N GLU A 433 31.08 2.13 -11.18
CA GLU A 433 32.08 1.51 -12.03
C GLU A 433 33.38 2.34 -12.01
N GLU A 434 33.26 3.65 -12.24
CA GLU A 434 34.42 4.55 -12.23
C GLU A 434 35.26 4.47 -10.96
N VAL A 435 34.62 4.41 -9.79
CA VAL A 435 35.37 4.33 -8.55
C VAL A 435 36.13 3.03 -8.46
N GLY A 436 35.42 1.92 -8.69
CA GLY A 436 36.02 0.60 -8.56
C GLY A 436 37.29 0.40 -9.37
N VAL A 437 37.42 1.22 -10.42
CA VAL A 437 38.56 1.17 -11.32
C VAL A 437 39.79 1.82 -10.68
N MET B 1 -12.98 12.49 8.04
CA MET B 1 -12.35 11.36 7.36
C MET B 1 -12.51 11.43 5.85
N ARG B 2 -12.10 10.35 5.21
CA ARG B 2 -12.35 10.16 3.81
C ARG B 2 -13.60 9.33 3.68
N GLU B 3 -14.64 9.94 3.14
CA GLU B 3 -15.92 9.25 3.07
C GLU B 3 -16.12 8.70 1.69
N ILE B 4 -16.72 7.52 1.62
CA ILE B 4 -17.02 6.97 0.34
C ILE B 4 -18.48 7.02 0.18
N VAL B 5 -18.89 7.36 -1.01
CA VAL B 5 -20.42 7.20 -1.05
C VAL B 5 -20.89 6.11 -2.01
N HIS B 6 -21.97 5.38 -1.67
CA HIS B 6 -22.46 4.32 -2.56
C HIS B 6 -23.59 4.74 -3.44
N ILE B 7 -23.52 4.37 -4.74
CA ILE B 7 -25.00 4.20 -5.14
C ILE B 7 -25.49 2.75 -5.38
N GLN B 8 -26.79 2.45 -5.10
CA GLN B 8 -27.34 1.13 -5.44
C GLN B 8 -28.17 1.24 -6.71
N ALA B 9 -27.67 0.70 -7.88
CA ALA B 9 -28.86 0.64 -8.83
C ALA B 9 -29.35 -0.72 -9.40
N GLY B 10 -30.70 -0.81 -9.59
CA GLY B 10 -31.47 -1.95 -10.11
C GLY B 10 -32.02 -2.89 -9.03
N GLN B 11 -32.82 -3.89 -9.39
CA GLN B 11 -33.12 -4.97 -8.45
C GLN B 11 -31.81 -5.51 -7.94
N CYS B 12 -30.97 -5.91 -8.89
CA CYS B 12 -29.66 -6.46 -8.62
C CYS B 12 -28.86 -5.56 -7.68
N GLY B 13 -28.73 -4.29 -8.07
CA GLY B 13 -28.01 -3.34 -7.26
C GLY B 13 -28.53 -3.19 -5.85
N ASN B 14 -29.84 -2.98 -5.73
CA ASN B 14 -30.48 -2.76 -4.44
C ASN B 14 -30.49 -3.99 -3.54
N GLN B 15 -30.53 -5.17 -4.15
CA GLN B 15 -30.56 -6.45 -3.44
C GLN B 15 -29.16 -6.77 -2.87
N ILE B 16 -28.17 -6.66 -3.75
CA ILE B 16 -26.78 -6.83 -3.36
C ILE B 16 -26.42 -5.86 -2.25
N GLY B 17 -26.74 -4.59 -2.47
CA GLY B 17 -26.51 -3.55 -1.48
C GLY B 17 -27.21 -3.82 -0.17
N ALA B 18 -28.42 -4.38 -0.25
CA ALA B 18 -29.15 -4.79 0.95
C ALA B 18 -28.22 -5.57 1.85
N LYS B 19 -27.74 -6.71 1.37
CA LYS B 19 -26.88 -7.48 2.27
C LYS B 19 -25.50 -6.84 2.54
N PHE B 20 -24.93 -6.16 1.55
CA PHE B 20 -23.63 -5.48 1.71
C PHE B 20 -23.63 -4.55 2.93
N TRP B 21 -24.64 -3.69 2.99
CA TRP B 21 -24.77 -2.75 4.08
C TRP B 21 -25.11 -3.45 5.40
N GLU B 22 -25.85 -4.56 5.31
CA GLU B 22 -26.01 -5.44 6.49
C GLU B 22 -24.65 -5.90 7.05
N VAL B 23 -23.82 -6.41 6.14
CA VAL B 23 -22.52 -6.98 6.45
C VAL B 23 -21.63 -5.95 7.12
N ILE B 24 -21.49 -4.79 6.51
CA ILE B 24 -20.67 -3.74 7.09
C ILE B 24 -21.19 -3.33 8.45
N SER B 25 -22.51 -3.25 8.59
CA SER B 25 -23.10 -2.96 9.89
C SER B 25 -22.62 -3.97 10.94
N ASP B 26 -22.53 -5.25 10.56
CA ASP B 26 -21.91 -6.25 11.43
C ASP B 26 -20.44 -5.93 11.71
N GLU B 27 -19.72 -5.57 10.65
CA GLU B 27 -18.28 -5.32 10.72
C GLU B 27 -17.94 -4.24 11.75
N HIS B 28 -18.84 -3.26 11.90
CA HIS B 28 -18.67 -2.18 12.87
C HIS B 28 -19.54 -2.25 14.13
N GLY B 29 -20.27 -3.34 14.31
CA GLY B 29 -21.07 -3.52 15.53
C GLY B 29 -22.30 -2.65 15.57
N ILE B 30 -22.80 -2.28 14.39
CA ILE B 30 -23.99 -1.46 14.26
C ILE B 30 -25.25 -2.34 14.25
N ASP B 31 -26.20 -2.02 15.12
CA ASP B 31 -27.45 -2.78 15.16
C ASP B 31 -28.36 -2.40 13.99
N PRO B 32 -29.41 -3.20 13.74
CA PRO B 32 -30.43 -2.93 12.71
C PRO B 32 -31.17 -1.59 12.80
N THR B 33 -31.09 -0.89 13.93
CA THR B 33 -31.74 0.42 14.05
C THR B 33 -30.84 1.59 13.67
N GLY B 34 -29.58 1.30 13.36
CA GLY B 34 -28.64 2.32 12.96
C GLY B 34 -27.88 2.87 14.15
N SER B 35 -28.07 2.24 15.30
CA SER B 35 -27.41 2.63 16.53
C SER B 35 -26.15 1.77 16.74
N TYR B 36 -24.99 2.42 16.89
CA TYR B 36 -23.75 1.68 17.08
C TYR B 36 -23.68 1.00 18.45
N HIS B 37 -23.52 -0.32 18.45
CA HIS B 37 -23.26 -1.06 19.68
C HIS B 37 -21.98 -1.88 19.85
N GLY B 38 -21.04 -1.75 18.92
CA GLY B 38 -19.81 -2.53 18.99
C GLY B 38 -19.03 -2.33 20.28
N ASP B 39 -18.04 -3.19 20.49
CA ASP B 39 -17.25 -3.19 21.71
C ASP B 39 -15.89 -2.53 21.50
N SER B 40 -15.11 -3.03 20.55
CA SER B 40 -13.79 -2.47 20.26
C SER B 40 -13.85 -1.04 19.70
N ASP B 41 -12.78 -0.29 19.93
CA ASP B 41 -12.67 1.08 19.43
C ASP B 41 -12.59 1.10 17.92
N LEU B 42 -11.94 0.10 17.35
CA LEU B 42 -11.80 -0.01 15.91
C LEU B 42 -13.17 -0.26 15.24
N GLN B 43 -14.14 -0.75 16.01
CA GLN B 43 -15.51 -0.91 15.50
C GLN B 43 -16.02 0.39 14.89
N LEU B 44 -15.75 1.52 15.54
CA LEU B 44 -16.26 2.80 15.05
C LEU B 44 -15.17 3.84 14.81
N GLU B 45 -13.92 3.45 15.00
CA GLU B 45 -12.77 4.31 14.80
C GLU B 45 -12.86 5.14 13.51
N ARG B 46 -13.02 4.43 12.39
CA ARG B 46 -13.20 5.02 11.07
C ARG B 46 -14.63 5.02 10.54
N ILE B 47 -15.61 4.74 11.40
CA ILE B 47 -17.02 4.56 11.02
C ILE B 47 -17.50 5.64 10.04
N ASN B 48 -16.92 6.83 10.16
CA ASN B 48 -17.25 7.97 9.31
C ASN B 48 -17.15 7.70 7.82
N VAL B 49 -16.29 6.76 7.41
CA VAL B 49 -16.15 6.43 6.00
C VAL B 49 -17.51 6.13 5.38
N TYR B 50 -18.23 5.18 5.95
CA TYR B 50 -19.54 4.81 5.47
C TYR B 50 -20.76 5.30 6.27
N TYR B 51 -20.53 5.96 7.40
CA TYR B 51 -21.67 6.38 8.22
C TYR B 51 -21.62 7.85 8.60
N ASN B 52 -22.78 8.49 8.56
CA ASN B 52 -22.96 9.84 9.05
C ASN B 52 -23.75 9.79 10.34
N GLU B 53 -23.18 10.30 11.42
CA GLU B 53 -23.90 10.24 12.67
C GLU B 53 -24.94 11.37 12.72
N ALA B 54 -26.18 10.91 12.78
CA ALA B 54 -27.39 11.66 13.01
C ALA B 54 -27.84 11.58 14.45
N ALA B 55 -27.08 11.40 15.47
CA ALA B 55 -27.51 11.87 16.79
C ALA B 55 -26.98 10.75 17.57
N GLY B 56 -26.68 10.97 18.85
CA GLY B 56 -26.53 9.86 19.76
C GLY B 56 -25.68 8.84 19.04
N ASN B 57 -26.25 7.66 18.95
CA ASN B 57 -25.69 6.66 18.10
C ASN B 57 -26.34 6.60 16.67
N LYS B 58 -27.19 7.57 16.16
CA LYS B 58 -27.76 7.18 14.90
C LYS B 58 -26.65 7.21 13.87
N TYR B 59 -26.42 6.09 13.21
CA TYR B 59 -25.46 6.09 12.12
C TYR B 59 -26.21 5.85 10.84
N VAL B 60 -25.93 6.70 9.86
CA VAL B 60 -26.63 6.76 8.60
C VAL B 60 -25.74 6.22 7.52
N PRO B 61 -26.19 5.18 6.83
CA PRO B 61 -25.36 4.63 5.76
C PRO B 61 -25.20 5.68 4.68
N ARG B 62 -23.98 5.87 4.17
CA ARG B 62 -23.83 6.88 3.15
C ARG B 62 -24.18 6.16 1.86
N ALA B 63 -25.44 6.23 1.48
CA ALA B 63 -25.88 5.52 0.29
C ALA B 63 -27.18 6.05 -0.27
N ILE B 64 -27.30 6.03 -1.59
CA ILE B 64 -28.58 6.40 -2.20
C ILE B 64 -29.18 5.21 -2.95
N LEU B 65 -30.47 4.98 -2.69
CA LEU B 65 -31.21 3.93 -3.38
C LEU B 65 -31.88 4.52 -4.61
N VAL B 66 -31.58 3.97 -5.79
CA VAL B 66 -32.27 4.52 -6.96
C VAL B 66 -32.93 3.45 -7.82
N ASP B 67 -34.25 3.55 -7.97
CA ASP B 67 -34.93 2.58 -8.85
C ASP B 67 -36.22 3.16 -9.41
N LEU B 68 -36.49 2.93 -10.69
CA LEU B 68 -37.73 3.44 -11.28
C LEU B 68 -38.91 2.56 -10.88
N GLU B 69 -38.58 1.35 -10.43
CA GLU B 69 -39.56 0.33 -10.08
C GLU B 69 -39.64 0.21 -8.56
N PRO B 70 -40.73 0.72 -7.96
CA PRO B 70 -40.83 1.03 -6.52
C PRO B 70 -40.86 -0.19 -5.59
N GLY B 71 -41.28 -1.35 -6.09
CA GLY B 71 -41.42 -2.53 -5.26
C GLY B 71 -40.11 -3.05 -4.71
N THR B 72 -39.04 -2.81 -5.47
CA THR B 72 -37.69 -3.21 -5.10
C THR B 72 -37.31 -2.69 -3.72
N MET B 73 -37.22 -1.37 -3.62
CA MET B 73 -36.89 -0.71 -2.37
C MET B 73 -37.89 -1.02 -1.30
N ASP B 74 -39.15 -1.14 -1.71
CA ASP B 74 -40.24 -1.46 -0.80
C ASP B 74 -39.91 -2.75 -0.06
N SER B 75 -39.39 -3.74 -0.79
CA SER B 75 -38.96 -4.99 -0.17
C SER B 75 -37.71 -4.81 0.67
N VAL B 76 -36.79 -3.97 0.21
CA VAL B 76 -35.57 -3.70 0.97
C VAL B 76 -35.88 -3.09 2.35
N ARG B 77 -36.73 -2.08 2.36
CA ARG B 77 -37.09 -1.38 3.59
C ARG B 77 -38.15 -2.13 4.39
N SER B 78 -38.78 -3.12 3.76
CA SER B 78 -39.58 -4.08 4.51
C SER B 78 -38.63 -4.96 5.34
N GLY B 79 -37.43 -5.18 4.81
CA GLY B 79 -36.42 -5.95 5.52
C GLY B 79 -35.66 -5.19 6.59
N PRO B 80 -34.68 -5.85 7.23
CA PRO B 80 -33.83 -5.31 8.31
C PRO B 80 -32.83 -4.23 7.85
N PHE B 81 -33.35 -3.27 7.11
CA PHE B 81 -32.60 -2.21 6.42
C PHE B 81 -33.27 -0.87 6.55
N GLY B 82 -34.54 -0.90 6.17
CA GLY B 82 -35.34 0.28 6.00
C GLY B 82 -35.14 1.30 7.09
N GLN B 83 -34.96 0.88 8.34
CA GLN B 83 -34.75 1.91 9.34
C GLN B 83 -33.27 2.27 9.56
N ILE B 84 -32.32 1.55 8.96
CA ILE B 84 -30.95 2.07 8.86
C ILE B 84 -30.94 3.22 7.86
N PHE B 85 -31.44 2.94 6.65
CA PHE B 85 -31.46 3.91 5.58
C PHE B 85 -32.43 5.05 5.88
N ARG B 86 -32.04 6.26 5.52
CA ARG B 86 -32.93 7.40 5.73
C ARG B 86 -33.78 7.63 4.48
N PRO B 87 -35.06 7.97 4.68
CA PRO B 87 -36.05 8.12 3.61
C PRO B 87 -35.76 9.26 2.63
N ASP B 88 -34.84 10.15 2.98
CA ASP B 88 -34.32 11.13 2.03
C ASP B 88 -33.64 10.40 0.86
N ASN B 89 -33.08 9.23 1.17
CA ASN B 89 -32.31 8.48 0.19
C ASN B 89 -33.13 7.54 -0.68
N PHE B 90 -34.40 7.31 -0.36
CA PHE B 90 -35.17 6.41 -1.24
C PHE B 90 -35.63 7.29 -2.38
N VAL B 91 -34.93 7.17 -3.50
CA VAL B 91 -35.30 7.96 -4.67
C VAL B 91 -35.78 6.98 -5.74
N PHE B 92 -37.11 7.00 -5.92
CA PHE B 92 -37.75 6.03 -6.79
C PHE B 92 -39.00 6.58 -7.45
N GLY B 93 -39.27 6.10 -8.67
CA GLY B 93 -40.46 6.47 -9.40
C GLY B 93 -41.43 5.32 -9.39
N GLN B 94 -42.58 5.47 -10.06
CA GLN B 94 -43.37 4.27 -10.31
C GLN B 94 -43.59 4.04 -11.80
N SER B 95 -42.57 3.46 -12.42
CA SER B 95 -42.63 2.94 -13.76
C SER B 95 -41.41 2.07 -13.94
N GLY B 96 -41.55 0.87 -14.48
CA GLY B 96 -40.38 0.05 -14.72
C GLY B 96 -39.82 0.39 -16.08
N ALA B 97 -38.51 0.29 -16.25
CA ALA B 97 -37.93 0.44 -17.58
C ALA B 97 -38.08 -0.88 -18.32
N GLY B 98 -38.46 -1.93 -17.60
CA GLY B 98 -38.72 -3.23 -18.19
C GLY B 98 -37.53 -3.74 -18.97
N ASN B 99 -36.35 -3.61 -18.38
CA ASN B 99 -35.11 -4.06 -19.00
C ASN B 99 -34.91 -3.42 -20.37
N ASN B 100 -35.19 -2.11 -20.41
CA ASN B 100 -34.83 -1.28 -21.54
C ASN B 100 -33.82 -0.25 -21.08
N TRP B 101 -32.57 -0.46 -21.48
CA TRP B 101 -31.48 0.47 -21.24
C TRP B 101 -31.91 1.88 -21.64
N ALA B 102 -32.48 1.94 -22.83
CA ALA B 102 -32.97 3.18 -23.42
C ALA B 102 -33.90 3.93 -22.47
N LYS B 103 -34.72 3.19 -21.75
CA LYS B 103 -35.61 3.80 -20.77
C LYS B 103 -34.86 4.22 -19.52
N GLY B 104 -34.32 3.22 -18.81
CA GLY B 104 -33.73 3.42 -17.50
C GLY B 104 -32.64 4.46 -17.43
N HIS B 105 -31.94 4.64 -18.55
CA HIS B 105 -30.86 5.59 -18.62
C HIS B 105 -31.34 6.87 -19.29
N TYR B 106 -31.66 6.70 -20.56
CA TYR B 106 -31.73 7.76 -21.53
C TYR B 106 -33.06 8.54 -21.52
N THR B 107 -34.19 7.86 -21.32
CA THR B 107 -35.46 8.60 -21.30
C THR B 107 -36.00 8.88 -19.90
N GLU B 108 -36.72 7.93 -19.30
CA GLU B 108 -37.46 8.25 -18.07
C GLU B 108 -36.52 8.39 -16.88
N GLY B 109 -35.51 7.54 -16.82
CA GLY B 109 -34.57 7.54 -15.71
C GLY B 109 -34.07 8.93 -15.38
N ALA B 110 -33.84 9.73 -16.41
CA ALA B 110 -33.37 11.10 -16.26
C ALA B 110 -34.21 11.92 -15.28
N GLU B 111 -35.53 11.74 -15.31
CA GLU B 111 -36.41 12.41 -14.36
C GLU B 111 -35.91 12.15 -12.94
N LEU B 112 -35.83 10.87 -12.59
CA LEU B 112 -35.42 10.48 -11.25
C LEU B 112 -34.02 11.00 -10.96
N VAL B 113 -33.17 10.99 -11.99
CA VAL B 113 -31.75 11.32 -11.82
C VAL B 113 -31.61 12.66 -11.14
N ASP B 114 -32.47 13.61 -11.52
CA ASP B 114 -32.26 14.96 -11.02
C ASP B 114 -32.38 14.95 -9.49
N SER B 115 -33.44 14.33 -8.98
CA SER B 115 -33.65 14.29 -7.54
C SER B 115 -32.53 13.48 -6.88
N VAL B 116 -32.05 12.45 -7.57
CA VAL B 116 -30.95 11.65 -7.04
C VAL B 116 -29.76 12.55 -6.81
N LEU B 117 -29.42 13.32 -7.84
CA LEU B 117 -28.18 14.09 -7.81
C LEU B 117 -28.25 15.07 -6.66
N ASP B 118 -29.46 15.53 -6.36
CA ASP B 118 -29.59 16.54 -5.33
C ASP B 118 -29.21 15.90 -4.00
N VAL B 119 -29.72 14.69 -3.75
CA VAL B 119 -29.34 13.93 -2.57
C VAL B 119 -27.84 13.67 -2.58
N VAL B 120 -27.30 13.40 -3.77
CA VAL B 120 -25.86 13.16 -3.89
C VAL B 120 -25.15 14.37 -3.30
N ARG B 121 -25.57 15.56 -3.75
CA ARG B 121 -24.92 16.79 -3.33
C ARG B 121 -25.03 16.94 -1.82
N LYS B 122 -26.19 16.58 -1.27
CA LYS B 122 -26.40 16.67 0.17
C LYS B 122 -25.29 15.90 0.84
N GLU B 123 -25.11 14.66 0.43
CA GLU B 123 -24.11 13.82 1.05
C GLU B 123 -22.71 14.38 0.82
N SER B 124 -22.45 14.87 -0.40
CA SER B 124 -21.11 15.32 -0.73
C SER B 124 -20.79 16.58 0.05
N GLU B 125 -21.84 17.29 0.46
CA GLU B 125 -21.63 18.50 1.24
C GLU B 125 -21.29 18.09 2.67
N SER B 126 -21.98 17.07 3.18
CA SER B 126 -21.82 16.66 4.56
C SER B 126 -20.49 15.92 4.75
N CYS B 127 -19.97 15.36 3.66
CA CYS B 127 -18.67 14.69 3.70
C CYS B 127 -17.53 15.67 3.95
N ASP B 128 -16.47 15.18 4.58
CA ASP B 128 -15.29 15.98 4.88
C ASP B 128 -14.31 15.96 3.71
N CYS B 129 -13.79 14.78 3.42
CA CYS B 129 -13.03 14.57 2.20
C CYS B 129 -13.70 13.47 1.39
N LEU B 130 -14.36 13.87 0.31
CA LEU B 130 -15.10 12.90 -0.47
C LEU B 130 -14.09 12.14 -1.33
N GLN B 131 -13.96 10.89 -0.93
CA GLN B 131 -13.25 9.77 -1.53
C GLN B 131 -14.32 8.89 -2.28
N GLY B 132 -15.17 9.48 -3.07
CA GLY B 132 -15.77 8.56 -4.01
C GLY B 132 -17.05 7.77 -3.74
N PHE B 133 -17.44 6.97 -4.75
CA PHE B 133 -18.78 6.48 -4.98
C PHE B 133 -19.11 5.01 -5.40
N GLN B 134 -19.43 4.10 -4.53
CA GLN B 134 -19.61 2.76 -5.11
C GLN B 134 -21.07 2.37 -5.52
N LEU B 135 -21.32 2.02 -6.79
CA LEU B 135 -22.66 1.84 -7.35
C LEU B 135 -23.20 0.43 -7.72
N THR B 136 -23.96 -0.22 -6.89
CA THR B 136 -24.33 -1.56 -7.32
C THR B 136 -25.32 -1.63 -8.53
N HIS B 137 -25.11 -2.58 -9.44
CA HIS B 137 -25.70 -2.71 -10.78
C HIS B 137 -25.69 -4.16 -11.29
N SER B 138 -26.65 -4.48 -12.15
CA SER B 138 -26.49 -5.60 -13.07
C SER B 138 -26.20 -5.02 -14.44
N LEU B 139 -25.14 -5.50 -15.08
CA LEU B 139 -24.73 -4.99 -16.36
C LEU B 139 -25.80 -5.21 -17.44
N GLY B 140 -26.63 -6.23 -17.27
CA GLY B 140 -27.72 -6.50 -18.20
C GLY B 140 -29.15 -6.19 -17.77
N GLY B 141 -29.37 -5.92 -16.48
CA GLY B 141 -30.68 -5.51 -16.01
C GLY B 141 -30.97 -4.06 -16.36
N GLY B 142 -32.14 -3.79 -16.93
CA GLY B 142 -32.40 -2.51 -17.55
C GLY B 142 -32.06 -1.25 -16.76
N THR B 143 -32.60 -1.11 -15.56
CA THR B 143 -32.35 0.09 -14.76
C THR B 143 -31.07 0.03 -13.92
N GLY B 144 -30.60 -1.17 -13.60
CA GLY B 144 -29.30 -1.27 -12.96
C GLY B 144 -28.27 -0.77 -13.96
N SER B 145 -28.26 -1.46 -15.11
CA SER B 145 -27.39 -1.17 -16.24
C SER B 145 -27.47 0.31 -16.66
N GLY B 146 -28.64 0.68 -17.17
CA GLY B 146 -28.79 2.01 -17.71
C GLY B 146 -28.72 3.12 -16.67
N MET B 147 -29.66 3.10 -15.72
CA MET B 147 -29.81 4.25 -14.84
C MET B 147 -28.49 4.57 -14.14
N GLY B 148 -27.81 3.49 -13.72
CA GLY B 148 -26.51 3.68 -13.11
C GLY B 148 -25.59 4.44 -14.04
N THR B 149 -25.50 3.98 -15.28
CA THR B 149 -24.65 4.67 -16.26
C THR B 149 -24.87 6.21 -16.34
N LEU B 150 -26.14 6.63 -16.32
CA LEU B 150 -26.41 8.08 -16.37
C LEU B 150 -25.92 8.80 -15.11
N LEU B 151 -26.28 8.24 -13.95
CA LEU B 151 -25.82 8.79 -12.68
C LEU B 151 -24.31 8.99 -12.66
N ILE B 152 -23.59 7.98 -13.15
CA ILE B 152 -22.14 7.99 -13.19
C ILE B 152 -21.61 9.14 -14.04
N SER B 153 -22.12 9.26 -15.27
CA SER B 153 -21.72 10.39 -16.14
C SER B 153 -21.85 11.75 -15.42
N LYS B 154 -23.01 11.95 -14.80
CA LYS B 154 -23.28 13.20 -14.08
C LYS B 154 -22.33 13.44 -12.89
N ILE B 155 -22.25 12.45 -12.01
CA ILE B 155 -21.43 12.55 -10.81
C ILE B 155 -19.97 12.78 -11.15
N ARG B 156 -19.47 12.07 -12.15
CA ARG B 156 -18.07 12.24 -12.58
C ARG B 156 -17.83 13.63 -13.11
N GLU B 157 -18.81 14.20 -13.80
CA GLU B 157 -18.71 15.60 -14.17
C GLU B 157 -18.53 16.50 -12.95
N GLU B 158 -19.36 16.27 -11.92
CA GLU B 158 -19.33 17.15 -10.74
C GLU B 158 -18.25 16.80 -9.69
N TYR B 159 -17.68 15.61 -9.77
CA TYR B 159 -16.57 15.24 -8.88
C TYR B 159 -15.48 14.46 -9.63
N PRO B 160 -14.85 15.09 -10.64
CA PRO B 160 -13.98 14.39 -11.59
C PRO B 160 -12.67 13.84 -11.01
N ASP B 161 -12.26 14.33 -9.85
CA ASP B 161 -11.04 13.86 -9.17
C ASP B 161 -11.29 12.82 -8.07
N ARG B 162 -12.50 12.25 -8.05
CA ARG B 162 -12.88 11.28 -7.02
C ARG B 162 -12.89 9.86 -7.56
N ILE B 163 -12.72 8.90 -6.66
CA ILE B 163 -12.71 7.50 -7.06
C ILE B 163 -14.14 6.99 -7.18
N MET B 164 -14.53 6.68 -8.40
CA MET B 164 -15.90 6.27 -8.65
C MET B 164 -15.89 4.86 -9.15
N ASN B 165 -16.70 3.98 -8.55
CA ASN B 165 -16.54 2.63 -9.10
C ASN B 165 -17.80 1.82 -8.96
N THR B 166 -17.89 0.75 -9.74
CA THR B 166 -19.18 0.09 -9.82
C THR B 166 -19.14 -1.38 -9.63
N PHE B 167 -20.23 -1.93 -9.09
CA PHE B 167 -20.11 -3.39 -9.08
C PHE B 167 -21.16 -3.93 -10.01
N SER B 168 -20.70 -4.28 -11.22
CA SER B 168 -21.67 -4.62 -12.24
C SER B 168 -21.57 -6.13 -12.52
N VAL B 169 -22.75 -6.73 -12.40
CA VAL B 169 -22.84 -8.14 -12.62
C VAL B 169 -22.74 -8.40 -14.10
N VAL B 170 -21.73 -9.14 -14.51
CA VAL B 170 -21.60 -9.46 -15.92
C VAL B 170 -22.49 -10.66 -16.22
N PRO B 171 -23.10 -10.65 -17.41
CA PRO B 171 -23.98 -11.73 -17.87
C PRO B 171 -23.29 -13.09 -17.87
N SER B 172 -23.94 -14.07 -17.27
CA SER B 172 -23.42 -15.44 -17.21
C SER B 172 -23.23 -15.98 -18.64
N PRO B 173 -21.99 -16.39 -18.98
CA PRO B 173 -21.60 -16.85 -20.32
C PRO B 173 -22.41 -18.02 -20.89
N LYS B 174 -23.06 -18.81 -20.04
CA LYS B 174 -23.85 -19.96 -20.49
C LYS B 174 -25.30 -19.57 -20.68
N VAL B 175 -25.89 -19.12 -19.59
CA VAL B 175 -27.30 -18.78 -19.51
C VAL B 175 -27.51 -17.27 -19.52
N SER B 176 -28.44 -16.81 -20.34
CA SER B 176 -28.81 -15.40 -20.29
C SER B 176 -30.03 -15.27 -19.39
N ASP B 177 -30.05 -14.26 -18.53
CA ASP B 177 -31.21 -13.99 -17.70
C ASP B 177 -32.21 -13.01 -18.33
N THR B 178 -31.75 -12.25 -19.31
CA THR B 178 -32.60 -11.38 -20.12
C THR B 178 -32.29 -11.73 -21.56
N VAL B 179 -33.30 -11.71 -22.43
CA VAL B 179 -33.06 -12.06 -23.82
C VAL B 179 -32.18 -11.00 -24.49
N VAL B 180 -32.38 -9.74 -24.09
CA VAL B 180 -31.63 -8.60 -24.63
C VAL B 180 -30.45 -8.23 -23.75
N GLU B 181 -30.15 -9.07 -22.76
CA GLU B 181 -29.03 -8.84 -21.83
C GLU B 181 -27.73 -8.40 -22.53
N PRO B 182 -27.39 -8.99 -23.70
CA PRO B 182 -26.29 -8.48 -24.52
C PRO B 182 -26.40 -7.00 -24.95
N TYR B 183 -27.61 -6.53 -25.23
CA TYR B 183 -27.81 -5.13 -25.56
C TYR B 183 -27.54 -4.25 -24.34
N ASN B 184 -28.24 -4.55 -23.24
CA ASN B 184 -28.11 -3.81 -22.00
C ASN B 184 -26.66 -3.72 -21.54
N ALA B 185 -25.94 -4.82 -21.72
CA ALA B 185 -24.55 -4.88 -21.34
C ALA B 185 -23.73 -3.98 -22.27
N THR B 186 -23.69 -4.31 -23.56
CA THR B 186 -22.85 -3.56 -24.50
C THR B 186 -23.03 -2.02 -24.41
N LEU B 187 -24.29 -1.58 -24.35
CA LEU B 187 -24.58 -0.14 -24.17
C LEU B 187 -23.99 0.44 -22.88
N SER B 188 -24.36 -0.24 -21.79
CA SER B 188 -23.89 0.18 -20.49
C SER B 188 -22.39 0.34 -20.54
N VAL B 189 -21.71 -0.71 -20.99
CA VAL B 189 -20.25 -0.76 -21.09
C VAL B 189 -19.65 0.41 -21.84
N HIS B 190 -20.24 0.72 -23.00
CA HIS B 190 -19.83 1.88 -23.79
C HIS B 190 -19.59 3.09 -22.82
N GLN B 191 -20.67 3.45 -22.14
CA GLN B 191 -20.51 4.61 -21.25
C GLN B 191 -19.80 4.34 -19.89
N LEU B 192 -19.92 3.10 -19.39
CA LEU B 192 -19.38 2.69 -18.11
C LEU B 192 -17.87 2.71 -18.11
N VAL B 193 -17.28 2.19 -19.19
CA VAL B 193 -15.84 2.16 -19.35
C VAL B 193 -15.29 3.55 -19.36
N GLU B 194 -15.86 4.42 -20.21
CA GLU B 194 -15.19 5.74 -20.22
C GLU B 194 -15.41 6.59 -18.95
N ASN B 195 -16.54 6.39 -18.27
CA ASN B 195 -16.87 7.25 -17.12
C ASN B 195 -16.57 6.72 -15.70
N THR B 196 -15.92 5.57 -15.58
CA THR B 196 -15.56 5.03 -14.27
C THR B 196 -14.06 4.83 -14.09
N ASP B 197 -13.61 4.85 -12.83
CA ASP B 197 -12.23 4.50 -12.50
C ASP B 197 -12.01 3.00 -12.33
N GLU B 198 -13.00 2.32 -11.74
CA GLU B 198 -12.96 0.87 -11.58
C GLU B 198 -14.33 0.23 -11.82
N THR B 199 -14.30 -0.96 -12.41
CA THR B 199 -15.50 -1.77 -12.51
C THR B 199 -15.20 -3.19 -12.14
N TYR B 200 -16.02 -3.75 -11.26
CA TYR B 200 -15.86 -5.16 -10.93
C TYR B 200 -16.82 -5.97 -11.77
N CYS B 201 -16.29 -7.10 -12.23
CA CYS B 201 -16.97 -7.99 -13.15
C CYS B 201 -17.29 -9.26 -12.42
N ILE B 202 -18.58 -9.56 -12.29
CA ILE B 202 -18.84 -10.82 -11.57
C ILE B 202 -19.97 -11.65 -12.20
N ASP B 203 -19.85 -12.98 -12.18
CA ASP B 203 -20.89 -13.83 -12.75
C ASP B 203 -21.56 -14.72 -11.72
N ASN B 204 -22.89 -14.76 -11.80
CA ASN B 204 -23.70 -15.63 -10.95
C ASN B 204 -23.39 -17.10 -11.16
N GLU B 205 -23.06 -17.47 -12.40
CA GLU B 205 -22.66 -18.84 -12.72
C GLU B 205 -21.45 -19.28 -11.91
N ALA B 206 -20.39 -18.48 -11.98
CA ALA B 206 -19.17 -18.73 -11.22
C ALA B 206 -19.48 -18.80 -9.73
N LEU B 207 -20.32 -17.87 -9.28
CA LEU B 207 -20.75 -17.87 -7.90
C LEU B 207 -21.44 -19.18 -7.56
N TYR B 208 -22.30 -19.67 -8.45
CA TYR B 208 -22.99 -20.95 -8.24
C TYR B 208 -22.00 -22.06 -8.01
N ASP B 209 -21.02 -22.18 -8.93
CA ASP B 209 -19.95 -23.17 -8.77
C ASP B 209 -19.35 -23.09 -7.39
N ILE B 210 -18.97 -21.87 -7.01
CA ILE B 210 -18.32 -21.62 -5.73
C ILE B 210 -19.22 -22.03 -4.56
N CYS B 211 -20.46 -21.56 -4.58
CA CYS B 211 -21.47 -21.90 -3.57
C CYS B 211 -21.65 -23.39 -3.41
N PHE B 212 -22.15 -24.01 -4.48
CA PHE B 212 -22.64 -25.37 -4.45
C PHE B 212 -21.54 -26.43 -4.44
N ARG B 213 -20.53 -26.28 -5.30
CA ARG B 213 -19.47 -27.27 -5.37
C ARG B 213 -18.27 -27.07 -4.43
N THR B 214 -17.78 -25.84 -4.33
CA THR B 214 -16.61 -25.58 -3.49
C THR B 214 -17.05 -25.48 -2.03
N LEU B 215 -18.16 -24.78 -1.81
CA LEU B 215 -18.69 -24.61 -0.46
C LEU B 215 -19.80 -25.60 -0.15
N LYS B 216 -20.05 -26.51 -1.09
CA LYS B 216 -21.02 -27.60 -0.94
C LYS B 216 -22.35 -27.09 -0.42
N LEU B 217 -22.72 -25.88 -0.84
CA LEU B 217 -23.97 -25.29 -0.42
C LEU B 217 -25.10 -26.02 -1.13
N THR B 218 -26.11 -26.38 -0.36
CA THR B 218 -27.18 -27.20 -0.88
C THR B 218 -28.15 -26.40 -1.73
N THR B 219 -28.60 -25.23 -1.24
CA THR B 219 -29.48 -24.43 -2.08
C THR B 219 -29.03 -22.96 -2.22
N PRO B 220 -28.24 -22.70 -3.27
CA PRO B 220 -27.62 -21.39 -3.56
C PRO B 220 -28.63 -20.33 -3.98
N THR B 221 -29.20 -19.64 -2.99
CA THR B 221 -30.09 -18.50 -3.24
C THR B 221 -29.31 -17.20 -3.42
N TYR B 222 -30.01 -16.14 -3.76
CA TYR B 222 -29.37 -14.85 -3.99
C TYR B 222 -28.84 -14.26 -2.68
N GLY B 223 -29.52 -14.54 -1.58
CA GLY B 223 -29.03 -14.12 -0.27
C GLY B 223 -27.61 -14.61 -0.01
N ASP B 224 -27.35 -15.85 -0.39
CA ASP B 224 -26.04 -16.47 -0.19
C ASP B 224 -25.00 -16.04 -1.27
N LEU B 225 -25.47 -15.88 -2.50
CA LEU B 225 -24.63 -15.37 -3.58
C LEU B 225 -24.13 -13.95 -3.28
N ASN B 226 -25.05 -13.13 -2.77
CA ASN B 226 -24.77 -11.74 -2.46
C ASN B 226 -23.92 -11.64 -1.22
N HIS B 227 -24.10 -12.59 -0.33
CA HIS B 227 -23.14 -12.84 0.74
C HIS B 227 -21.70 -12.87 0.21
N LEU B 228 -21.46 -13.66 -0.84
CA LEU B 228 -20.14 -13.65 -1.52
C LEU B 228 -19.69 -12.27 -2.10
N VAL B 229 -20.61 -11.61 -2.79
CA VAL B 229 -20.27 -10.29 -3.36
C VAL B 229 -19.92 -9.26 -2.27
N SER B 230 -20.84 -9.15 -1.31
CA SER B 230 -20.72 -8.32 -0.12
C SER B 230 -19.36 -8.52 0.47
N ALA B 231 -18.97 -9.79 0.47
CA ALA B 231 -17.65 -10.18 0.92
C ALA B 231 -16.53 -9.35 0.34
N THR B 232 -16.34 -9.53 -0.97
CA THR B 232 -15.15 -8.92 -1.56
C THR B 232 -15.14 -7.37 -1.48
N MET B 233 -16.35 -6.82 -1.54
CA MET B 233 -16.49 -5.36 -1.34
C MET B 233 -15.95 -4.92 0.06
N SER B 234 -16.42 -5.64 1.09
CA SER B 234 -15.97 -5.38 2.45
C SER B 234 -14.44 -5.32 2.56
N GLY B 235 -13.78 -6.36 2.06
CA GLY B 235 -12.31 -6.39 2.17
C GLY B 235 -11.56 -5.16 1.66
N VAL B 236 -11.89 -4.82 0.40
CA VAL B 236 -11.28 -3.62 -0.20
C VAL B 236 -11.29 -2.42 0.80
N THR B 237 -12.50 -2.23 1.30
CA THR B 237 -12.57 -1.07 2.14
C THR B 237 -11.83 -1.21 3.47
N THR B 238 -11.54 -2.44 3.93
CA THR B 238 -10.73 -2.56 5.16
C THR B 238 -9.43 -1.84 5.03
N CYS B 239 -8.91 -1.83 3.81
CA CYS B 239 -7.79 -0.90 3.57
C CYS B 239 -8.06 0.47 4.14
N LEU B 240 -9.25 0.99 3.84
CA LEU B 240 -9.50 2.31 4.56
C LEU B 240 -10.08 2.29 6.02
N ARG B 241 -11.01 1.38 6.27
CA ARG B 241 -11.79 1.30 7.50
C ARG B 241 -10.96 0.88 8.71
N PHE B 242 -9.80 0.30 8.46
CA PHE B 242 -8.97 -0.21 9.55
C PHE B 242 -7.48 0.00 9.31
N PRO B 243 -6.68 -0.04 10.38
CA PRO B 243 -5.23 0.04 10.21
C PRO B 243 -4.61 -1.31 9.88
N GLY B 244 -3.32 -1.31 9.58
CA GLY B 244 -2.63 -2.51 9.17
C GLY B 244 -1.18 -2.25 8.87
N GLN B 245 -0.41 -3.33 8.78
CA GLN B 245 1.02 -3.25 8.48
C GLN B 245 1.21 -2.49 7.19
N LEU B 246 0.56 -2.95 6.13
CA LEU B 246 0.47 -2.17 4.92
C LEU B 246 -0.95 -1.68 4.77
N ASN B 247 -1.18 -0.42 5.10
CA ASN B 247 -2.46 0.21 4.82
C ASN B 247 -2.40 0.64 3.37
N ALA B 248 -3.25 0.06 2.54
CA ALA B 248 -3.27 0.49 1.16
C ALA B 248 -4.59 1.11 0.79
N ASP B 249 -4.66 2.43 0.74
CA ASP B 249 -5.96 3.06 0.54
C ASP B 249 -6.54 2.68 -0.81
N LEU B 250 -7.87 2.72 -0.90
CA LEU B 250 -8.60 2.40 -2.12
C LEU B 250 -7.99 3.08 -3.34
N ARG B 251 -7.65 4.36 -3.21
CA ARG B 251 -7.00 5.04 -4.31
C ARG B 251 -5.66 4.37 -4.61
N LYS B 252 -4.87 4.09 -3.57
CA LYS B 252 -3.57 3.45 -3.79
C LYS B 252 -3.71 2.11 -4.50
N LEU B 253 -4.67 1.30 -4.05
CA LEU B 253 -4.97 0.03 -4.70
C LEU B 253 -5.30 0.26 -6.18
N ALA B 254 -6.18 1.21 -6.43
CA ALA B 254 -6.57 1.58 -7.79
C ALA B 254 -5.36 1.91 -8.65
N VAL B 255 -4.52 2.81 -8.14
CA VAL B 255 -3.31 3.25 -8.81
C VAL B 255 -2.43 2.07 -9.18
N ASN B 256 -2.26 1.16 -8.24
CA ASN B 256 -1.39 0.00 -8.44
C ASN B 256 -1.97 -1.03 -9.41
N MET B 257 -3.29 -1.13 -9.44
CA MET B 257 -3.95 -2.16 -10.25
C MET B 257 -4.35 -1.72 -11.65
N VAL B 258 -4.20 -0.45 -11.96
CA VAL B 258 -4.52 -0.02 -13.32
C VAL B 258 -3.22 0.35 -14.04
N PRO B 259 -2.72 -0.56 -14.90
CA PRO B 259 -1.52 -0.31 -15.69
C PRO B 259 -1.77 0.64 -16.84
N PHE B 260 -3.01 0.70 -17.30
CA PHE B 260 -3.37 1.46 -18.47
C PHE B 260 -4.80 2.02 -18.34
N PRO B 261 -5.05 3.26 -18.79
CA PRO B 261 -6.39 3.86 -18.62
C PRO B 261 -7.46 3.17 -19.46
N ARG B 262 -8.59 2.81 -18.84
CA ARG B 262 -9.68 1.95 -19.33
C ARG B 262 -9.62 0.49 -18.96
N LEU B 263 -8.45 -0.08 -18.65
CA LEU B 263 -8.53 -1.49 -18.35
C LEU B 263 -8.62 -1.52 -16.86
N HIS B 264 -9.84 -1.32 -16.40
CA HIS B 264 -10.06 -1.38 -14.99
C HIS B 264 -11.24 -2.30 -14.82
N PHE B 265 -10.94 -3.58 -14.82
CA PHE B 265 -11.95 -4.60 -14.80
C PHE B 265 -11.36 -5.63 -13.91
N PHE B 266 -12.14 -6.07 -12.96
CA PHE B 266 -11.57 -6.85 -11.89
C PHE B 266 -12.40 -8.08 -11.65
N MET B 267 -11.68 -9.13 -11.29
CA MET B 267 -12.29 -10.40 -11.00
C MET B 267 -11.88 -10.78 -9.59
N PRO B 268 -12.68 -10.34 -8.60
CA PRO B 268 -12.43 -10.61 -7.19
C PRO B 268 -12.21 -12.07 -6.90
N GLY B 269 -11.18 -12.30 -6.10
CA GLY B 269 -10.88 -13.61 -5.58
C GLY B 269 -11.22 -13.61 -4.12
N PHE B 270 -11.03 -14.78 -3.54
CA PHE B 270 -11.70 -15.10 -2.34
C PHE B 270 -10.94 -16.11 -1.52
N ALA B 271 -10.69 -15.84 -0.25
CA ALA B 271 -10.18 -16.91 0.57
C ALA B 271 -10.48 -16.69 2.06
N PRO B 272 -10.67 -17.78 2.80
CA PRO B 272 -10.70 -19.17 2.31
C PRO B 272 -12.04 -19.61 1.71
N LEU B 273 -12.03 -20.52 0.72
CA LEU B 273 -13.26 -21.15 0.21
C LEU B 273 -13.27 -22.70 0.30
N THR B 274 -13.95 -23.20 1.33
CA THR B 274 -14.16 -24.62 1.60
C THR B 274 -15.37 -24.81 2.53
N SER B 275 -16.20 -25.81 2.26
CA SER B 275 -17.36 -26.07 3.09
C SER B 275 -16.98 -26.50 4.50
N ARG B 276 -17.88 -26.29 5.44
CA ARG B 276 -17.62 -26.55 6.85
C ARG B 276 -17.15 -27.97 7.17
N GLY B 277 -17.60 -28.93 6.38
CA GLY B 277 -17.18 -30.31 6.57
C GLY B 277 -15.68 -30.47 6.39
N SER B 278 -15.12 -29.80 5.39
CA SER B 278 -13.71 -29.99 5.03
C SER B 278 -12.73 -29.09 5.81
N GLN B 279 -13.25 -28.10 6.54
CA GLN B 279 -12.40 -27.14 7.25
C GLN B 279 -11.48 -27.75 8.31
N GLN B 280 -11.88 -28.89 8.87
CA GLN B 280 -11.10 -29.54 9.92
C GLN B 280 -9.87 -30.25 9.36
N TYR B 281 -9.81 -30.38 8.03
CA TYR B 281 -8.73 -31.13 7.39
C TYR B 281 -7.61 -30.26 6.86
N ARG B 282 -7.74 -28.96 7.09
CA ARG B 282 -6.81 -28.01 6.53
C ARG B 282 -6.41 -27.02 7.61
N ALA B 283 -5.39 -26.24 7.34
CA ALA B 283 -4.94 -25.22 8.28
C ALA B 283 -4.83 -23.90 7.53
N LEU B 284 -5.34 -22.83 8.12
CA LEU B 284 -5.29 -21.58 7.40
C LEU B 284 -3.94 -20.99 7.68
N THR B 285 -3.04 -21.23 6.74
CA THR B 285 -1.73 -20.63 6.74
C THR B 285 -1.80 -19.59 5.67
N VAL B 286 -0.73 -18.83 5.51
CA VAL B 286 -0.61 -17.96 4.37
C VAL B 286 -0.44 -18.80 3.09
N PRO B 287 0.41 -19.84 3.10
CA PRO B 287 0.42 -20.75 1.95
C PRO B 287 -0.94 -21.31 1.56
N GLU B 288 -1.73 -21.73 2.56
CA GLU B 288 -3.08 -22.21 2.31
C GLU B 288 -3.93 -21.11 1.72
N LEU B 289 -3.94 -19.97 2.40
CA LEU B 289 -4.74 -18.82 2.01
C LEU B 289 -4.46 -18.38 0.57
N THR B 290 -3.18 -18.36 0.22
CA THR B 290 -2.75 -17.96 -1.12
C THR B 290 -3.07 -19.02 -2.15
N GLN B 291 -2.90 -20.29 -1.79
CA GLN B 291 -3.28 -21.39 -2.68
C GLN B 291 -4.75 -21.26 -3.04
N GLN B 292 -5.56 -20.90 -2.04
CA GLN B 292 -6.98 -20.60 -2.27
C GLN B 292 -7.13 -19.43 -3.23
N MET B 293 -6.38 -18.35 -2.98
CA MET B 293 -6.45 -17.16 -3.81
C MET B 293 -6.05 -17.38 -5.26
N PHE B 294 -5.19 -18.36 -5.50
CA PHE B 294 -4.66 -18.65 -6.84
C PHE B 294 -5.38 -19.78 -7.57
N ASP B 295 -6.55 -20.13 -7.05
CA ASP B 295 -7.40 -21.15 -7.62
C ASP B 295 -8.40 -20.60 -8.63
N ALA B 296 -8.50 -21.23 -9.79
CA ALA B 296 -9.52 -20.89 -10.79
C ALA B 296 -10.92 -21.13 -10.23
N LYS B 297 -11.03 -22.08 -9.31
CA LYS B 297 -12.30 -22.41 -8.67
C LYS B 297 -12.79 -21.30 -7.75
N ASN B 298 -11.86 -20.52 -7.21
CA ASN B 298 -12.17 -19.40 -6.33
C ASN B 298 -12.24 -18.06 -7.06
N MET B 299 -12.20 -18.13 -8.39
CA MET B 299 -12.40 -16.94 -9.21
C MET B 299 -13.90 -16.67 -9.38
N MET B 300 -14.36 -15.54 -8.85
CA MET B 300 -15.80 -15.28 -8.75
C MET B 300 -16.42 -14.84 -10.07
N ALA B 301 -15.59 -14.50 -11.03
CA ALA B 301 -16.05 -14.21 -12.39
C ALA B 301 -15.92 -15.48 -13.21
N ALA B 302 -16.80 -15.68 -14.20
CA ALA B 302 -16.68 -16.92 -14.93
C ALA B 302 -15.68 -16.69 -16.02
N CYS B 303 -14.45 -17.00 -15.68
CA CYS B 303 -13.32 -16.89 -16.57
C CYS B 303 -12.22 -17.78 -16.04
N ASP B 304 -11.59 -18.55 -16.91
CA ASP B 304 -10.42 -19.34 -16.51
C ASP B 304 -9.25 -18.37 -16.49
N PRO B 305 -8.69 -18.11 -15.30
CA PRO B 305 -7.62 -17.11 -15.11
C PRO B 305 -6.30 -17.50 -15.78
N ARG B 306 -6.17 -18.76 -16.17
CA ARG B 306 -4.96 -19.27 -16.83
C ARG B 306 -5.03 -19.14 -18.34
N HIS B 307 -6.04 -18.42 -18.82
CA HIS B 307 -6.08 -18.02 -20.21
C HIS B 307 -5.39 -16.67 -20.36
N GLY B 308 -4.21 -16.65 -20.97
CA GLY B 308 -3.48 -15.39 -21.10
C GLY B 308 -2.61 -15.08 -19.89
N ARG B 309 -2.51 -13.80 -19.54
CA ARG B 309 -1.64 -13.38 -18.45
C ARG B 309 -2.31 -12.43 -17.46
N TYR B 310 -1.90 -12.51 -16.19
CA TYR B 310 -2.26 -11.51 -15.21
C TYR B 310 -1.49 -10.22 -15.46
N LEU B 311 -2.20 -9.12 -15.63
CA LEU B 311 -1.56 -7.82 -15.68
C LEU B 311 -1.11 -7.41 -14.29
N THR B 312 -2.05 -7.48 -13.35
CA THR B 312 -1.76 -7.10 -11.98
C THR B 312 -2.68 -7.83 -11.00
N VAL B 313 -2.14 -8.15 -9.83
CA VAL B 313 -2.87 -8.92 -8.83
C VAL B 313 -2.70 -8.30 -7.46
N ALA B 314 -3.81 -7.84 -6.89
CA ALA B 314 -3.75 -7.26 -5.56
C ALA B 314 -4.21 -8.29 -4.53
N ALA B 315 -3.27 -8.75 -3.73
CA ALA B 315 -3.60 -9.65 -2.64
C ALA B 315 -3.77 -8.81 -1.39
N VAL B 316 -5.03 -8.67 -0.96
CA VAL B 316 -5.29 -7.92 0.26
C VAL B 316 -5.63 -8.88 1.38
N PHE B 317 -4.80 -8.90 2.40
CA PHE B 317 -4.93 -9.85 3.49
C PHE B 317 -5.56 -9.16 4.70
N ARG B 318 -6.29 -9.96 5.46
CA ARG B 318 -6.97 -9.54 6.67
C ARG B 318 -6.58 -10.49 7.80
N GLY B 319 -6.11 -9.92 8.90
CA GLY B 319 -5.67 -10.68 10.04
C GLY B 319 -4.15 -10.67 10.17
N ARG B 320 -3.66 -11.13 11.31
CA ARG B 320 -2.24 -11.09 11.59
C ARG B 320 -1.48 -12.18 10.85
N MET B 321 -0.30 -11.83 10.40
CA MET B 321 0.59 -12.76 9.71
C MET B 321 1.90 -12.08 9.43
N SER B 322 2.91 -12.91 9.18
CA SER B 322 4.25 -12.42 8.96
C SER B 322 4.40 -11.87 7.56
N MET B 323 5.14 -10.77 7.45
CA MET B 323 5.39 -10.18 6.16
C MET B 323 6.33 -11.04 5.34
N LYS B 324 7.34 -11.65 5.97
CA LYS B 324 8.19 -12.59 5.24
C LYS B 324 7.34 -13.72 4.70
N GLU B 325 6.57 -14.35 5.57
CA GLU B 325 5.70 -15.46 5.22
C GLU B 325 4.88 -15.13 3.98
N VAL B 326 4.19 -14.00 4.03
CA VAL B 326 3.37 -13.53 2.92
C VAL B 326 4.19 -13.28 1.68
N ASP B 327 5.17 -12.37 1.80
CA ASP B 327 6.01 -11.96 0.69
C ASP B 327 6.56 -13.17 -0.03
N GLU B 328 7.28 -13.99 0.73
CA GLU B 328 7.90 -15.21 0.24
C GLU B 328 6.88 -16.09 -0.44
N GLN B 329 5.74 -16.32 0.20
CA GLN B 329 4.73 -17.20 -0.38
C GLN B 329 4.19 -16.68 -1.72
N MET B 330 3.90 -15.38 -1.77
CA MET B 330 3.45 -14.73 -2.99
C MET B 330 4.50 -14.88 -4.09
N LEU B 331 5.76 -14.77 -3.71
CA LEU B 331 6.85 -14.87 -4.66
C LEU B 331 7.08 -16.29 -5.14
N ASN B 332 6.89 -17.25 -4.24
CA ASN B 332 6.92 -18.66 -4.58
C ASN B 332 5.89 -18.91 -5.67
N VAL B 333 4.70 -18.38 -5.43
CA VAL B 333 3.61 -18.50 -6.40
C VAL B 333 4.00 -17.89 -7.74
N GLN B 334 4.49 -16.64 -7.71
CA GLN B 334 4.85 -15.96 -8.95
C GLN B 334 5.95 -16.72 -9.71
N ASN B 335 6.88 -17.32 -8.98
CA ASN B 335 7.95 -18.10 -9.60
C ASN B 335 7.42 -19.35 -10.28
N LYS B 336 6.62 -20.11 -9.55
CA LYS B 336 6.09 -21.38 -10.06
C LYS B 336 5.14 -21.16 -11.25
N ASN B 337 4.29 -20.17 -11.12
CA ASN B 337 3.24 -19.85 -12.09
C ASN B 337 3.63 -18.76 -13.10
N SER B 338 4.92 -18.48 -13.20
CA SER B 338 5.45 -17.37 -14.00
C SER B 338 4.95 -17.31 -15.45
N SER B 339 4.43 -18.42 -15.95
CA SER B 339 3.84 -18.47 -17.29
C SER B 339 2.49 -17.74 -17.37
N TYR B 340 1.90 -17.44 -16.22
CA TYR B 340 0.62 -16.71 -16.17
C TYR B 340 0.73 -15.22 -15.83
N PHE B 341 1.94 -14.69 -15.72
CA PHE B 341 2.11 -13.28 -15.41
C PHE B 341 2.74 -12.51 -16.55
N VAL B 342 2.19 -11.32 -16.79
CA VAL B 342 2.64 -10.44 -17.86
C VAL B 342 4.10 -10.04 -17.65
N GLU B 343 4.92 -10.31 -18.66
CA GLU B 343 6.36 -10.01 -18.60
C GLU B 343 6.64 -8.52 -18.41
N TRP B 344 5.69 -7.69 -18.84
CA TRP B 344 5.78 -6.23 -18.69
C TRP B 344 6.13 -5.77 -17.30
N ILE B 345 5.51 -6.38 -16.31
CA ILE B 345 5.67 -5.93 -14.94
C ILE B 345 6.57 -6.87 -14.16
N PRO B 346 7.78 -6.40 -13.83
CA PRO B 346 8.60 -7.19 -12.92
C PRO B 346 7.94 -7.13 -11.56
N ASN B 347 7.94 -8.23 -10.83
CA ASN B 347 7.19 -8.30 -9.59
C ASN B 347 5.71 -8.07 -9.87
N ASN B 348 5.10 -9.07 -10.50
CA ASN B 348 3.70 -9.06 -10.92
C ASN B 348 2.73 -9.13 -9.76
N VAL B 349 3.25 -9.49 -8.60
CA VAL B 349 2.48 -9.50 -7.38
C VAL B 349 2.24 -8.08 -6.91
N LYS B 350 1.22 -7.91 -6.07
CA LYS B 350 1.06 -6.69 -5.32
C LYS B 350 0.36 -7.11 -4.03
N THR B 351 0.73 -6.51 -2.91
CA THR B 351 0.12 -6.95 -1.66
C THR B 351 -0.26 -5.80 -0.74
N ALA B 352 -1.15 -6.12 0.19
CA ALA B 352 -1.50 -5.22 1.27
C ALA B 352 -1.99 -6.07 2.42
N VAL B 353 -1.83 -5.58 3.64
CA VAL B 353 -2.28 -6.32 4.80
C VAL B 353 -2.94 -5.39 5.80
N CYS B 354 -4.21 -5.63 6.08
CA CYS B 354 -4.87 -5.01 7.20
C CYS B 354 -4.87 -6.01 8.35
N ASP B 355 -4.64 -5.49 9.55
CA ASP B 355 -4.44 -6.29 10.74
C ASP B 355 -5.74 -6.58 11.45
N ILE B 356 -6.85 -6.52 10.73
CA ILE B 356 -8.05 -7.08 11.30
C ILE B 356 -8.72 -8.08 10.34
N PRO B 357 -9.11 -9.24 10.86
CA PRO B 357 -9.80 -10.24 10.06
C PRO B 357 -11.29 -9.92 9.97
N PRO B 358 -11.95 -10.47 8.94
CA PRO B 358 -13.40 -10.37 8.86
C PRO B 358 -14.07 -11.33 9.84
N ARG B 359 -15.21 -10.91 10.38
CA ARG B 359 -16.25 -11.85 10.79
C ARG B 359 -15.98 -12.88 11.90
N GLY B 360 -14.72 -13.20 12.18
CA GLY B 360 -14.38 -14.46 12.85
C GLY B 360 -13.56 -15.46 12.06
N LEU B 361 -13.13 -15.07 10.86
CA LEU B 361 -12.10 -15.83 10.14
C LEU B 361 -10.71 -15.29 10.46
N LYS B 362 -9.92 -16.05 11.23
CA LYS B 362 -8.59 -15.64 11.68
C LYS B 362 -7.76 -15.07 10.54
N MET B 363 -7.73 -15.83 9.46
CA MET B 363 -7.08 -15.44 8.25
C MET B 363 -8.15 -15.20 7.23
N SER B 364 -7.99 -14.15 6.44
CA SER B 364 -8.81 -14.03 5.26
C SER B 364 -8.07 -13.18 4.29
N ALA B 365 -8.41 -13.31 3.02
CA ALA B 365 -7.82 -12.44 2.04
C ALA B 365 -8.73 -12.38 0.85
N THR B 366 -8.60 -11.30 0.10
CA THR B 366 -9.36 -11.13 -1.09
C THR B 366 -8.43 -10.70 -2.22
N PHE B 367 -8.69 -11.32 -3.35
CA PHE B 367 -7.78 -11.44 -4.46
C PHE B 367 -8.37 -10.61 -5.57
N ILE B 368 -7.65 -9.59 -6.04
CA ILE B 368 -8.18 -8.83 -7.15
C ILE B 368 -7.27 -9.01 -8.35
N GLY B 369 -7.72 -9.86 -9.27
CA GLY B 369 -6.95 -10.14 -10.47
C GLY B 369 -7.36 -9.23 -11.58
N ASN B 370 -6.44 -8.93 -12.47
CA ASN B 370 -6.80 -8.32 -13.73
C ASN B 370 -6.06 -9.08 -14.83
N SER B 371 -6.70 -10.09 -15.40
CA SER B 371 -6.02 -10.95 -16.35
C SER B 371 -6.57 -10.66 -17.71
N THR B 372 -5.76 -10.88 -18.73
CA THR B 372 -6.20 -10.70 -20.10
C THR B 372 -7.30 -11.72 -20.44
N ALA B 373 -7.36 -12.78 -19.63
CA ALA B 373 -8.41 -13.80 -19.70
C ALA B 373 -9.79 -13.19 -19.80
N ILE B 374 -9.98 -12.11 -19.05
CA ILE B 374 -11.28 -11.45 -18.91
C ILE B 374 -11.90 -11.14 -20.26
N GLN B 375 -11.07 -11.02 -21.30
CA GLN B 375 -11.56 -10.72 -22.64
C GLN B 375 -12.69 -11.67 -23.07
N GLU B 376 -12.63 -12.91 -22.57
CA GLU B 376 -13.64 -13.92 -22.93
C GLU B 376 -15.04 -13.44 -22.56
N LEU B 377 -15.18 -12.86 -21.37
CA LEU B 377 -16.45 -12.31 -20.95
C LEU B 377 -16.91 -11.23 -21.92
N PHE B 378 -15.98 -10.39 -22.36
CA PHE B 378 -16.31 -9.36 -23.32
C PHE B 378 -16.76 -10.03 -24.64
N LYS B 379 -16.06 -11.10 -25.02
CA LYS B 379 -16.49 -11.85 -26.19
C LYS B 379 -17.91 -12.33 -26.01
N ARG B 380 -18.20 -12.88 -24.84
CA ARG B 380 -19.50 -13.48 -24.58
C ARG B 380 -20.52 -12.47 -25.04
N ILE B 381 -20.38 -11.26 -24.51
CA ILE B 381 -21.41 -10.28 -24.71
C ILE B 381 -21.36 -9.87 -26.18
N SER B 382 -20.15 -9.54 -26.64
CA SER B 382 -19.97 -9.11 -28.02
C SER B 382 -20.67 -10.09 -28.94
N GLU B 383 -20.40 -11.37 -28.73
CA GLU B 383 -20.81 -12.35 -29.74
C GLU B 383 -22.33 -12.40 -29.75
N GLN B 384 -22.90 -12.51 -28.55
CA GLN B 384 -24.34 -12.66 -28.43
C GLN B 384 -24.94 -11.42 -29.04
N PHE B 385 -24.41 -10.27 -28.63
CA PHE B 385 -24.96 -8.99 -29.06
C PHE B 385 -24.98 -8.97 -30.57
N THR B 386 -23.83 -9.35 -31.14
CA THR B 386 -23.59 -9.18 -32.56
C THR B 386 -24.68 -9.90 -33.33
N ALA B 387 -24.96 -11.14 -32.92
CA ALA B 387 -25.88 -11.96 -33.68
C ALA B 387 -27.24 -11.27 -33.70
N MET B 388 -27.68 -10.83 -32.53
CA MET B 388 -28.98 -10.18 -32.40
C MET B 388 -28.98 -8.88 -33.20
N PHE B 389 -27.85 -8.18 -33.14
CA PHE B 389 -27.73 -6.89 -33.82
C PHE B 389 -27.90 -7.06 -35.32
N ARG B 390 -27.44 -8.20 -35.85
CA ARG B 390 -27.51 -8.41 -37.28
C ARG B 390 -28.96 -8.45 -37.72
N ARG B 391 -29.76 -9.15 -36.91
CA ARG B 391 -31.14 -9.44 -37.31
C ARG B 391 -32.05 -8.34 -36.80
N LYS B 392 -31.46 -7.45 -36.00
CA LYS B 392 -32.19 -6.37 -35.33
C LYS B 392 -33.22 -6.96 -34.38
N ALA B 393 -32.80 -8.01 -33.67
CA ALA B 393 -33.65 -8.67 -32.69
C ALA B 393 -33.99 -7.71 -31.57
N PHE B 394 -35.28 -7.61 -31.26
CA PHE B 394 -35.75 -6.76 -30.17
C PHE B 394 -35.31 -5.30 -30.35
N LEU B 395 -35.14 -4.89 -31.60
CA LEU B 395 -34.63 -3.56 -31.92
C LEU B 395 -35.62 -2.45 -31.58
N HIS B 396 -36.90 -2.72 -31.83
CA HIS B 396 -37.95 -1.71 -31.72
C HIS B 396 -38.29 -1.27 -30.29
N TRP B 397 -37.77 -1.94 -29.28
CA TRP B 397 -37.95 -1.47 -27.91
C TRP B 397 -36.94 -0.34 -27.62
N TYR B 398 -35.70 -0.53 -28.06
CA TYR B 398 -34.69 0.52 -27.94
C TYR B 398 -34.90 1.67 -28.94
N THR B 399 -35.09 1.36 -30.22
CA THR B 399 -35.33 2.39 -31.23
C THR B 399 -36.69 3.04 -30.98
N GLY B 400 -37.59 2.28 -30.34
CA GLY B 400 -38.82 2.85 -29.85
C GLY B 400 -38.54 3.99 -28.89
N GLU B 401 -37.54 3.82 -28.02
CA GLU B 401 -37.16 4.96 -27.18
C GLU B 401 -36.31 6.06 -27.87
N GLY B 402 -35.87 5.82 -29.12
CA GLY B 402 -35.10 6.81 -29.86
C GLY B 402 -33.62 6.50 -30.00
N MET B 403 -33.22 5.29 -29.63
CA MET B 403 -31.82 4.90 -29.71
C MET B 403 -31.39 4.63 -31.14
N ASP B 404 -30.22 5.15 -31.49
CA ASP B 404 -29.68 5.05 -32.84
C ASP B 404 -28.98 3.71 -33.05
N GLU B 405 -29.03 3.22 -34.28
CA GLU B 405 -28.33 1.98 -34.65
C GLU B 405 -26.83 2.16 -34.50
N MET B 406 -26.35 3.36 -34.84
CA MET B 406 -24.94 3.69 -34.73
C MET B 406 -24.49 3.80 -33.28
N GLU B 407 -25.43 4.07 -32.38
CA GLU B 407 -25.13 4.05 -30.95
C GLU B 407 -24.67 2.66 -30.54
N PHE B 408 -25.40 1.65 -31.02
CA PHE B 408 -25.04 0.26 -30.79
C PHE B 408 -23.77 -0.14 -31.55
N THR B 409 -23.63 0.40 -32.76
CA THR B 409 -22.44 0.16 -33.58
C THR B 409 -21.18 0.62 -32.85
N GLU B 410 -21.21 1.87 -32.38
CA GLU B 410 -20.10 2.48 -31.65
C GLU B 410 -19.88 1.79 -30.31
N ALA B 411 -20.96 1.35 -29.66
CA ALA B 411 -20.87 0.63 -28.39
C ALA B 411 -20.06 -0.66 -28.53
N GLU B 412 -20.42 -1.48 -29.54
CA GLU B 412 -19.67 -2.70 -29.79
C GLU B 412 -18.25 -2.37 -30.26
N SER B 413 -18.12 -1.37 -31.13
CA SER B 413 -16.81 -0.96 -31.63
C SER B 413 -15.85 -0.62 -30.50
N ASN B 414 -16.38 -0.02 -29.43
CA ASN B 414 -15.57 0.32 -28.27
C ASN B 414 -15.30 -0.89 -27.37
N MET B 415 -16.21 -1.87 -27.36
CA MET B 415 -15.86 -3.13 -26.70
C MET B 415 -14.80 -3.92 -27.50
N ASN B 416 -14.79 -3.73 -28.82
CA ASN B 416 -13.83 -4.41 -29.71
C ASN B 416 -12.45 -3.80 -29.60
N ASP B 417 -12.40 -2.47 -29.47
CA ASP B 417 -11.16 -1.79 -29.14
C ASP B 417 -10.64 -2.25 -27.79
N LEU B 418 -11.57 -2.36 -26.83
CA LEU B 418 -11.24 -2.82 -25.48
C LEU B 418 -10.56 -4.20 -25.46
N VAL B 419 -11.20 -5.17 -26.10
CA VAL B 419 -10.64 -6.51 -26.20
C VAL B 419 -9.33 -6.50 -27.00
N SER B 420 -9.28 -5.65 -28.02
CA SER B 420 -8.05 -5.50 -28.82
C SER B 420 -6.85 -5.09 -27.94
N GLU B 421 -7.11 -4.16 -27.01
CA GLU B 421 -6.08 -3.75 -26.06
C GLU B 421 -5.66 -4.90 -25.16
N TYR B 422 -6.64 -5.67 -24.69
CA TYR B 422 -6.29 -6.88 -23.92
C TYR B 422 -5.38 -7.85 -24.66
N GLN B 423 -5.64 -8.02 -25.96
CA GLN B 423 -4.79 -8.87 -26.79
C GLN B 423 -3.37 -8.34 -26.90
N GLN B 424 -3.26 -7.06 -27.23
CA GLN B 424 -1.95 -6.42 -27.39
C GLN B 424 -1.04 -6.64 -26.18
N TYR B 425 -1.64 -6.59 -24.99
CA TYR B 425 -0.90 -6.81 -23.74
C TYR B 425 -0.77 -8.30 -23.40
N GLN B 426 -1.53 -9.15 -24.08
CA GLN B 426 -1.49 -10.60 -23.83
C GLN B 426 -0.40 -11.24 -24.70
PG GTP C . 1.58 6.06 0.19
O1G GTP C . 0.57 5.31 1.03
O2G GTP C . 1.15 7.50 0.03
O3G GTP C . 1.67 5.43 -1.17
O3B GTP C . 3.05 6.08 0.85
PB GTP C . 3.58 5.43 2.23
O1B GTP C . 2.62 5.70 3.38
O2B GTP C . 4.94 6.03 2.52
O3A GTP C . 3.68 3.86 1.93
PA GTP C . 4.70 2.83 2.63
O1A GTP C . 3.90 1.75 3.32
O2A GTP C . 5.65 3.51 3.60
O5' GTP C . 5.50 2.23 1.37
C5' GTP C . 5.58 0.86 1.05
C4' GTP C . 7.02 0.38 1.20
O4' GTP C . 7.38 0.51 2.56
C3' GTP C . 7.21 -1.08 0.83
O3' GTP C . 8.49 -1.25 0.28
C2' GTP C . 7.14 -1.79 2.17
O2' GTP C . 7.89 -2.98 2.19
C1' GTP C . 7.72 -0.75 3.11
N9 GTP C . 7.13 -0.81 4.46
C8 GTP C . 5.84 -0.56 4.82
N7 GTP C . 5.73 -0.72 6.17
C5 GTP C . 6.93 -1.06 6.66
C6 GTP C . 7.39 -1.33 7.95
O6 GTP C . 6.63 -1.30 8.92
N1 GTP C . 8.72 -1.66 8.13
C2 GTP C . 9.58 -1.71 7.05
N2 GTP C . 10.85 -2.02 7.23
N3 GTP C . 9.12 -1.43 5.78
C4 GTP C . 7.83 -1.12 5.60
MG MG D . 1.01 4.65 4.32
PB GDP E . -33.46 -4.13 -13.26
O1B GDP E . -34.11 -3.54 -14.48
O2B GDP E . -34.43 -4.06 -12.11
O3B GDP E . -32.22 -3.32 -12.95
O3A GDP E . -33.12 -5.66 -13.63
PA GDP E . -32.41 -6.75 -12.68
O1A GDP E . -33.42 -7.73 -12.12
O2A GDP E . -31.60 -6.12 -11.57
O5' GDP E . -31.43 -7.48 -13.73
C5' GDP E . -31.44 -8.90 -13.98
C4' GDP E . -30.01 -9.39 -13.92
O4' GDP E . -29.56 -9.22 -12.58
C3' GDP E . -29.89 -10.87 -14.23
O3' GDP E . -28.67 -11.12 -14.92
C2' GDP E . -29.84 -11.55 -12.87
O2' GDP E . -29.03 -12.72 -12.88
C1' GDP E . -29.24 -10.48 -11.99
N9 GDP E . -29.79 -10.51 -10.62
C8 GDP E . -31.07 -10.28 -10.27
N7 GDP E . -31.23 -10.37 -8.92
C5 GDP E . -30.02 -10.66 -8.40
C6 GDP E . -29.47 -10.88 -7.05
O6 GDP E . -30.19 -10.84 -6.04
N1 GDP E . -28.15 -11.15 -6.96
C2 GDP E . -27.34 -11.23 -8.03
N2 GDP E . -26.03 -11.50 -7.84
N3 GDP E . -27.78 -11.02 -9.30
C4 GDP E . -29.08 -10.74 -9.52
C1 ZPN F . -19.15 -18.50 4.17
O1 ZPN F . -19.89 -18.50 3.18
C2 ZPN F . -19.60 -18.38 5.55
C3 ZPN F . -20.85 -18.01 5.87
C4 ZPN F . -21.15 -17.78 7.28
C5 ZPN F . -22.34 -17.32 7.67
C21 ZPN F . -22.56 -16.85 9.08
C6 ZPN F . -23.36 -16.90 6.65
C7 ZPN F . -23.37 -15.40 6.60
O7 ZPN F . -24.39 -14.78 6.88
C8 ZPN F . -22.02 -14.75 6.77
C9 ZPN F . -21.75 -13.79 5.60
C10 ZPN F . -20.40 -13.11 5.83
C11 ZPN F . -19.39 -13.10 4.68
C12 ZPN F . -18.42 -11.95 4.98
C13 ZPN F . -17.24 -12.01 4.04
C22 ZPN F . -16.86 -10.95 3.34
C14 ZPN F . -16.61 -13.36 3.87
C15 ZPN F . -17.72 -14.39 3.59
O11 ZPN F . -18.67 -14.34 4.65
C16 ZPN F . -17.12 -15.77 3.51
C17 ZPN F . -17.33 -16.62 2.49
C23 ZPN F . -18.02 -16.27 1.21
C18 ZPN F . -16.49 -17.85 2.36
C19 ZPN F . -17.19 -19.11 2.90
O19 ZPN F . -17.96 -19.09 4.11
C20 ZPN F . -16.55 -20.44 2.54
O20 ZPN F . -17.46 -21.53 2.53
N20 ZPN F . -15.56 -20.60 3.61
C1' ZPN F . -14.43 -21.31 3.43
O1' ZPN F . -14.25 -21.87 2.33
C2' ZPN F . -13.56 -21.38 4.61
C3' ZPN F . -12.48 -22.19 4.70
C4' ZPN F . -11.89 -22.89 3.57
C5' ZPN F . -10.83 -23.70 3.77
C6' ZPN F . -10.20 -24.51 2.67
#